data_8SXA
#
_entry.id   8SXA
#
_cell.length_a   1.00
_cell.length_b   1.00
_cell.length_c   1.00
_cell.angle_alpha   90.00
_cell.angle_beta   90.00
_cell.angle_gamma   90.00
#
_symmetry.space_group_name_H-M   'P 1'
#
_entity_poly.entity_id   1
_entity_poly.type   'polypeptide(L)'
_entity_poly.pdbx_seq_one_letter_code
;MQPVYPEVKPNPLRNANLCSRIFFWWLNPLFKIGHKRRLEEDDMYSVLPEDRSQHLGEELQGYWDQEVLRAEKDAREPSL
TKAIIKCYWKSYVVLGIFTLIEESTRVVQPIILGKIIGYFENYDPSDSAALYEAHGYAGVLSACTLVLAILHHLYFYHVQ
CAGMRLRVAMCHMIYRKALRLSNSAMGKTTTGQIVNLLSNDVNKFDQVTIFLHFLWAGPLQAIVVTALLWMEIGISCLAG
MAVLIILLPLQSCIGKLFSSLRSKTAAFTDTRIRTMNEVITGIRIIKMYAWEKSFADLITNLRRKEISKILRSSYLRGMN
LASFFVASKIIVFVTFTTYVFLGNVITASRVFVAVSLYGAVRLTVTLFFPSAVEKVSEAFVSIRRIKNFLLLDEITQLHS
QLPSDGKMIVNVQDFTAFWDKASDTPTLQSLSFTVRPGELLAVVGPVGAGKSSLLSAVLGELPPNQGQVSVHGRIAYVSQ
QPWVFSGTVRSNILFGKKYEKERYEKVIKACALKKDLQLLEDGDLTMIGDRGTTLSGGQKARVNLARAVYQDADIYLLDD
PLSAVDAEVSRHLFELCICQALHEKIRILVTHQLQYLKAASQILILKDGQMVQKGTYTEFLKSGIDFGSLLKKENEEAEP
SPVPGSPTLRNRTFSESSVWSQQSSRPSLKEATPEGQDTENIQVTLTEESRSEGKVGFKAYKNYFTAGAHWFIIIFLILV
NLAAQVSYILQDWWLSYWANQQSALNVTVNGQGNVTEKLDLNWYLGIYSGLTASTVLFGIVRSLLVFFVLVSSSQTLHNQ
MFESILRAPVLFFDRNPIGRILNRFSKDIGHMDDLLPLTYLDFIQTFLQVIGVVGVAVAVIPWIAIPLVPLGIVFFVLRR
YFLETSRDVKRLESTTRSPVFSHLSSSLQGLWTIRAYKAEQRFQELFDSHQDLHSEAWFLFLTTSRWFAVRLDAICAVFV
IVVAFGSLILAKTLDAGQVGLALSYALTLMGMFQWCVRQSAEVENMMISVERVIEYTDLEKEAPWEYQKRPLPSWPHEGV
IIFDNVNFSYSLDGPLVLKHLTALIKSKEKVGIVGRTGAGKSSLIAALFRLSEPEGKIWIDKILTTEIGLHDLRKKMSII
PQEPVLFTGTMRKNLDPFNEHSDEELWNALEEVQLKEAIEDLPGKMDTELAESGSNFSVGQRQLVCLARAILRKNRILII
DEATANVDPRTDELIQKKIREKFAHCTVLTIAHRLNTIIDSDKIMVLDSGRLKEYDEPYVLLQNRDSLFYKMVQQLGKAE
AAALTETAKQVYFKRNYPDITHNGHVVMNASSGQPSAFTIFETAL
;
_entity_poly.pdbx_strand_id   A
#
# COMPACT_ATOMS: atom_id res chain seq x y z
N LEU A 48 -7.59 -19.08 -24.60
CA LEU A 48 -7.74 -20.44 -25.20
C LEU A 48 -8.60 -21.35 -24.34
N PRO A 49 -9.26 -22.33 -24.95
CA PRO A 49 -10.20 -23.15 -24.19
C PRO A 49 -9.57 -23.85 -23.01
N GLU A 50 -8.29 -24.23 -23.11
CA GLU A 50 -7.65 -24.94 -22.02
C GLU A 50 -7.25 -24.04 -20.86
N ASP A 51 -7.14 -22.73 -21.07
CA ASP A 51 -6.76 -21.82 -20.00
C ASP A 51 -7.92 -20.98 -19.46
N ARG A 52 -9.14 -21.19 -19.94
CA ARG A 52 -10.28 -20.54 -19.32
C ARG A 52 -10.44 -20.97 -17.87
N SER A 53 -10.83 -20.02 -17.01
CA SER A 53 -10.90 -20.28 -15.58
C SER A 53 -11.84 -21.43 -15.26
N GLN A 54 -12.99 -21.48 -15.92
CA GLN A 54 -13.99 -22.50 -15.58
C GLN A 54 -13.43 -23.89 -15.79
N HIS A 55 -13.00 -24.20 -17.01
CA HIS A 55 -12.50 -25.54 -17.32
C HIS A 55 -11.25 -25.87 -16.52
N LEU A 56 -10.36 -24.90 -16.38
CA LEU A 56 -9.06 -25.14 -15.79
C LEU A 56 -9.13 -25.44 -14.30
N GLY A 57 -10.04 -24.80 -13.57
CA GLY A 57 -10.23 -25.11 -12.17
C GLY A 57 -11.09 -26.33 -11.90
N GLU A 58 -12.10 -26.53 -12.74
CA GLU A 58 -13.04 -27.62 -12.55
C GLU A 58 -12.33 -28.97 -12.50
N GLU A 59 -11.27 -29.16 -13.29
CA GLU A 59 -10.57 -30.44 -13.21
C GLU A 59 -9.89 -30.62 -11.86
N LEU A 60 -9.28 -29.56 -11.33
CA LEU A 60 -8.61 -29.70 -10.04
C LEU A 60 -9.61 -29.90 -8.91
N GLN A 61 -10.80 -29.29 -8.99
CA GLN A 61 -11.86 -29.62 -8.04
C GLN A 61 -12.22 -31.10 -8.14
N GLY A 62 -12.25 -31.64 -9.36
CA GLY A 62 -12.42 -33.07 -9.51
C GLY A 62 -11.35 -33.88 -8.82
N TYR A 63 -10.08 -33.52 -9.01
CA TYR A 63 -9.00 -34.22 -8.35
C TYR A 63 -9.07 -34.08 -6.84
N TRP A 64 -9.43 -32.89 -6.36
CA TRP A 64 -9.55 -32.69 -4.92
C TRP A 64 -10.64 -33.57 -4.32
N ASP A 65 -11.82 -33.61 -4.94
CA ASP A 65 -12.85 -34.51 -4.45
C ASP A 65 -12.37 -35.96 -4.43
N GLN A 66 -11.64 -36.38 -5.46
CA GLN A 66 -11.14 -37.74 -5.50
C GLN A 66 -10.11 -38.01 -4.40
N GLU A 67 -9.24 -37.03 -4.13
CA GLU A 67 -8.33 -37.17 -3.00
C GLU A 67 -9.08 -37.24 -1.68
N VAL A 68 -10.17 -36.47 -1.54
CA VAL A 68 -10.96 -36.52 -0.32
C VAL A 68 -11.66 -37.86 -0.18
N LEU A 69 -12.22 -38.39 -1.27
CA LEU A 69 -12.80 -39.73 -1.22
C LEU A 69 -11.76 -40.78 -0.86
N ARG A 70 -10.60 -40.75 -1.50
CA ARG A 70 -9.51 -41.65 -1.12
C ARG A 70 -9.13 -41.49 0.34
N ALA A 71 -8.94 -40.24 0.79
CA ALA A 71 -8.50 -40.01 2.16
C ALA A 71 -9.51 -40.56 3.15
N GLU A 72 -10.80 -40.45 2.85
CA GLU A 72 -11.81 -41.06 3.71
C GLU A 72 -11.66 -42.58 3.72
N LYS A 73 -11.55 -43.20 2.54
CA LYS A 73 -11.38 -44.64 2.49
C LYS A 73 -10.07 -45.06 3.15
N ASP A 74 -9.01 -44.28 2.96
CA ASP A 74 -7.72 -44.55 3.58
C ASP A 74 -7.66 -44.16 5.05
N ALA A 75 -8.73 -43.56 5.57
CA ALA A 75 -8.80 -43.15 6.98
C ALA A 75 -7.62 -42.28 7.38
N ARG A 76 -7.26 -41.33 6.51
CA ARG A 76 -6.18 -40.40 6.81
C ARG A 76 -6.58 -39.03 6.27
N GLU A 77 -5.78 -38.03 6.58
CA GLU A 77 -6.09 -36.67 6.16
C GLU A 77 -5.86 -36.49 4.66
N PRO A 78 -6.66 -35.65 4.01
CA PRO A 78 -6.40 -35.34 2.60
C PRO A 78 -5.22 -34.39 2.45
N SER A 79 -4.47 -34.57 1.37
CA SER A 79 -3.31 -33.76 1.06
C SER A 79 -3.59 -32.98 -0.22
N LEU A 80 -3.60 -31.66 -0.13
CA LEU A 80 -3.85 -30.86 -1.32
C LEU A 80 -2.67 -30.92 -2.29
N THR A 81 -1.45 -31.09 -1.78
CA THR A 81 -0.30 -31.25 -2.65
C THR A 81 -0.44 -32.47 -3.56
N LYS A 82 -0.96 -33.57 -3.05
CA LYS A 82 -1.15 -34.74 -3.91
C LYS A 82 -2.19 -34.46 -4.99
N ALA A 83 -3.26 -33.74 -4.66
CA ALA A 83 -4.23 -33.36 -5.67
C ALA A 83 -3.63 -32.46 -6.75
N ILE A 84 -2.85 -31.45 -6.36
CA ILE A 84 -2.17 -30.61 -7.33
C ILE A 84 -1.24 -31.43 -8.22
N ILE A 85 -0.37 -32.23 -7.60
CA ILE A 85 0.62 -32.99 -8.36
C ILE A 85 -0.05 -33.93 -9.37
N LYS A 86 -1.06 -34.67 -8.93
CA LYS A 86 -1.76 -35.55 -9.86
C LYS A 86 -2.44 -34.77 -10.98
N CYS A 87 -2.83 -33.53 -10.73
CA CYS A 87 -3.46 -32.76 -11.80
C CYS A 87 -2.46 -32.25 -12.83
N TYR A 88 -1.28 -31.78 -12.39
CA TYR A 88 -0.39 -31.02 -13.24
C TYR A 88 0.93 -31.71 -13.52
N TRP A 89 1.13 -32.94 -13.07
CA TRP A 89 2.43 -33.58 -13.25
C TRP A 89 2.86 -33.61 -14.71
N LYS A 90 1.92 -33.73 -15.64
CA LYS A 90 2.28 -33.71 -17.06
C LYS A 90 2.91 -32.39 -17.48
N SER A 91 2.57 -31.29 -16.81
CA SER A 91 3.26 -30.02 -17.08
C SER A 91 4.61 -29.93 -16.39
N TYR A 92 4.69 -30.30 -15.11
CA TYR A 92 5.96 -30.20 -14.40
C TYR A 92 7.03 -31.09 -14.99
N VAL A 93 6.66 -32.23 -15.56
CA VAL A 93 7.67 -33.09 -16.20
C VAL A 93 8.35 -32.39 -17.37
N VAL A 94 7.59 -31.72 -18.23
CA VAL A 94 8.26 -31.04 -19.33
C VAL A 94 9.10 -29.87 -18.84
N LEU A 95 8.66 -29.16 -17.81
CA LEU A 95 9.52 -28.15 -17.19
C LEU A 95 10.78 -28.78 -16.63
N GLY A 96 10.67 -29.96 -16.05
CA GLY A 96 11.87 -30.62 -15.55
C GLY A 96 12.85 -30.98 -16.65
N ILE A 97 12.33 -31.45 -17.78
CA ILE A 97 13.21 -31.74 -18.92
C ILE A 97 13.96 -30.50 -19.39
N PHE A 98 13.27 -29.36 -19.49
CA PHE A 98 13.98 -28.14 -19.89
C PHE A 98 15.09 -27.78 -18.93
N THR A 99 14.85 -27.88 -17.62
CA THR A 99 15.93 -27.61 -16.67
C THR A 99 17.07 -28.59 -16.85
N LEU A 100 16.75 -29.87 -17.05
CA LEU A 100 17.81 -30.85 -17.31
C LEU A 100 18.62 -30.48 -18.54
N ILE A 101 17.94 -30.12 -19.64
CA ILE A 101 18.66 -29.74 -20.85
C ILE A 101 19.41 -28.44 -20.65
N GLU A 102 18.75 -27.43 -20.09
CA GLU A 102 19.43 -26.14 -19.86
C GLU A 102 20.70 -26.32 -19.06
N GLU A 103 20.61 -26.97 -17.89
CA GLU A 103 21.79 -27.15 -17.05
C GLU A 103 22.85 -28.00 -17.72
N SER A 104 22.48 -28.93 -18.59
CA SER A 104 23.50 -29.67 -19.33
C SER A 104 24.29 -28.75 -20.26
N THR A 105 23.59 -27.94 -21.06
CA THR A 105 24.30 -27.04 -21.97
C THR A 105 25.12 -26.01 -21.21
N ARG A 106 24.61 -25.51 -20.09
CA ARG A 106 25.38 -24.55 -19.31
C ARG A 106 26.65 -25.18 -18.76
N VAL A 107 26.66 -26.49 -18.54
CA VAL A 107 27.88 -27.18 -18.15
C VAL A 107 28.72 -27.61 -19.36
N VAL A 108 28.09 -27.92 -20.48
CA VAL A 108 28.84 -28.28 -21.69
C VAL A 108 29.61 -27.08 -22.24
N GLN A 109 29.03 -25.89 -22.21
CA GLN A 109 29.74 -24.71 -22.71
C GLN A 109 31.17 -24.59 -22.22
N PRO A 110 31.45 -24.60 -20.91
CA PRO A 110 32.85 -24.57 -20.47
C PRO A 110 33.74 -25.64 -21.09
N ILE A 111 33.26 -26.88 -21.22
CA ILE A 111 34.09 -27.93 -21.78
C ILE A 111 34.40 -27.71 -23.25
N ILE A 112 33.46 -27.16 -24.01
CA ILE A 112 33.75 -26.79 -25.39
C ILE A 112 34.73 -25.63 -25.47
N LEU A 113 34.59 -24.66 -24.57
CA LEU A 113 35.56 -23.58 -24.52
C LEU A 113 36.97 -24.10 -24.28
N GLY A 114 37.10 -25.15 -23.48
CA GLY A 114 38.42 -25.75 -23.29
C GLY A 114 39.03 -26.24 -24.60
N LYS A 115 38.21 -26.83 -25.46
CA LYS A 115 38.69 -27.29 -26.76
C LYS A 115 39.15 -26.14 -27.65
N ILE A 116 38.46 -25.00 -27.59
CA ILE A 116 38.87 -23.88 -28.43
C ILE A 116 40.21 -23.32 -27.97
N ILE A 117 40.36 -23.08 -26.67
CA ILE A 117 41.64 -22.60 -26.15
C ILE A 117 42.75 -23.60 -26.44
N GLY A 118 42.44 -24.90 -26.42
CA GLY A 118 43.45 -25.89 -26.75
C GLY A 118 44.05 -25.73 -28.13
N TYR A 119 43.33 -25.06 -29.03
CA TYR A 119 43.89 -24.75 -30.35
C TYR A 119 45.10 -23.83 -30.26
N PHE A 120 45.14 -22.95 -29.27
CA PHE A 120 46.21 -21.96 -29.17
C PHE A 120 47.40 -22.44 -28.37
N GLU A 121 47.20 -23.30 -27.37
CA GLU A 121 48.29 -23.76 -26.55
C GLU A 121 49.29 -24.61 -27.32
N ASN A 122 48.98 -25.00 -28.55
CA ASN A 122 49.90 -25.73 -29.40
C ASN A 122 49.78 -25.24 -30.83
N TYR A 123 49.71 -23.92 -30.99
CA TYR A 123 49.38 -23.32 -32.27
C TYR A 123 50.42 -23.68 -33.32
N ASP A 124 49.95 -23.87 -34.55
CA ASP A 124 50.83 -24.19 -35.67
C ASP A 124 50.15 -23.71 -36.95
N PRO A 125 50.68 -22.68 -37.62
CA PRO A 125 50.03 -22.17 -38.82
C PRO A 125 49.92 -23.16 -39.97
N SER A 126 50.68 -24.25 -39.95
CA SER A 126 50.59 -25.22 -41.03
C SER A 126 49.42 -26.19 -40.90
N ASP A 127 48.85 -26.34 -39.70
CA ASP A 127 47.89 -27.40 -39.44
C ASP A 127 46.50 -26.90 -39.78
N SER A 128 46.20 -26.86 -41.08
CA SER A 128 44.88 -26.45 -41.52
C SER A 128 43.79 -27.36 -40.99
N ALA A 129 44.09 -28.64 -40.79
CA ALA A 129 43.10 -29.55 -40.23
C ALA A 129 42.71 -29.14 -38.82
N ALA A 130 43.68 -28.80 -37.99
CA ALA A 130 43.38 -28.30 -36.65
C ALA A 130 42.55 -27.03 -36.70
N LEU A 131 42.78 -26.18 -37.70
CA LEU A 131 41.96 -24.97 -37.82
C LEU A 131 40.50 -25.30 -38.04
N TYR A 132 40.20 -26.23 -38.94
CA TYR A 132 38.82 -26.65 -39.13
C TYR A 132 38.25 -27.26 -37.86
N GLU A 133 39.05 -28.07 -37.17
CA GLU A 133 38.56 -28.70 -35.95
C GLU A 133 38.28 -27.66 -34.87
N ALA A 134 39.16 -26.66 -34.74
CA ALA A 134 38.89 -25.57 -33.82
C ALA A 134 37.63 -24.82 -34.22
N HIS A 135 37.47 -24.56 -35.52
CA HIS A 135 36.22 -23.98 -36.00
C HIS A 135 35.03 -24.87 -35.68
N GLY A 136 35.22 -26.19 -35.67
CA GLY A 136 34.12 -27.05 -35.29
C GLY A 136 33.62 -26.80 -33.88
N TYR A 137 34.52 -26.76 -32.91
CA TYR A 137 34.10 -26.49 -31.54
C TYR A 137 33.57 -25.07 -31.37
N ALA A 138 34.15 -24.10 -32.06
CA ALA A 138 33.55 -22.78 -32.05
C ALA A 138 32.14 -22.81 -32.63
N GLY A 139 31.89 -23.69 -33.60
CA GLY A 139 30.54 -23.92 -34.04
C GLY A 139 29.65 -24.52 -32.96
N VAL A 140 30.13 -25.55 -32.26
CA VAL A 140 29.34 -26.15 -31.20
C VAL A 140 29.13 -25.19 -30.05
N LEU A 141 30.16 -24.40 -29.71
CA LEU A 141 29.99 -23.38 -28.67
C LEU A 141 28.91 -22.38 -29.07
N SER A 142 28.88 -22.01 -30.34
CA SER A 142 27.81 -21.15 -30.85
C SER A 142 26.43 -21.80 -30.70
N ALA A 143 26.31 -23.06 -31.12
CA ALA A 143 25.03 -23.75 -30.96
C ALA A 143 24.58 -23.78 -29.50
N CYS A 144 25.47 -24.12 -28.59
CA CYS A 144 25.09 -24.17 -27.17
C CYS A 144 24.52 -22.83 -26.72
N THR A 145 25.08 -21.73 -27.20
CA THR A 145 24.56 -20.43 -26.78
C THR A 145 23.17 -20.17 -27.34
N LEU A 146 22.93 -20.53 -28.60
CA LEU A 146 21.59 -20.42 -29.17
C LEU A 146 20.60 -21.40 -28.54
N VAL A 147 21.06 -22.61 -28.20
CA VAL A 147 20.16 -23.54 -27.52
C VAL A 147 19.70 -22.98 -26.19
N LEU A 148 20.60 -22.33 -25.45
CA LEU A 148 20.16 -21.60 -24.26
C LEU A 148 19.16 -20.52 -24.64
N ALA A 149 19.42 -19.78 -25.71
CA ALA A 149 18.47 -18.74 -26.13
C ALA A 149 17.12 -19.32 -26.52
N ILE A 150 17.09 -20.47 -27.19
CA ILE A 150 15.82 -21.13 -27.48
C ILE A 150 15.18 -21.73 -26.23
N LEU A 151 15.94 -22.47 -25.43
CA LEU A 151 15.35 -23.07 -24.24
C LEU A 151 14.78 -22.01 -23.31
N HIS A 152 15.50 -20.92 -23.12
CA HIS A 152 14.93 -19.83 -22.34
C HIS A 152 13.68 -19.28 -23.01
N HIS A 153 13.69 -19.21 -24.34
CA HIS A 153 12.53 -18.72 -25.06
C HIS A 153 11.32 -19.63 -24.87
N LEU A 154 11.52 -20.95 -24.86
CA LEU A 154 10.41 -21.86 -24.57
C LEU A 154 10.12 -21.94 -23.09
N TYR A 155 11.17 -22.09 -22.27
CA TYR A 155 10.99 -22.28 -20.84
C TYR A 155 10.31 -21.08 -20.21
N PHE A 156 10.65 -19.88 -20.67
CA PHE A 156 10.01 -18.68 -20.16
C PHE A 156 8.50 -18.71 -20.35
N TYR A 157 8.03 -19.16 -21.52
CA TYR A 157 6.59 -19.27 -21.75
C TYR A 157 5.92 -20.34 -20.89
N HIS A 158 6.44 -21.57 -20.93
CA HIS A 158 5.75 -22.67 -20.28
C HIS A 158 5.74 -22.54 -18.76
N VAL A 159 6.82 -22.03 -18.17
CA VAL A 159 6.85 -21.85 -16.73
C VAL A 159 5.80 -20.85 -16.28
N GLN A 160 5.69 -19.72 -16.98
CA GLN A 160 4.67 -18.75 -16.63
C GLN A 160 3.27 -19.33 -16.77
N CYS A 161 3.01 -20.02 -17.88
CA CYS A 161 1.70 -20.67 -18.03
C CYS A 161 1.48 -21.74 -16.97
N ALA A 162 2.49 -22.54 -16.66
CA ALA A 162 2.30 -23.57 -15.63
C ALA A 162 1.93 -22.94 -14.30
N GLY A 163 2.53 -21.81 -13.96
CA GLY A 163 2.15 -21.12 -12.73
C GLY A 163 0.75 -20.51 -12.80
N MET A 164 0.46 -19.79 -13.87
CA MET A 164 -0.83 -19.14 -13.99
C MET A 164 -1.97 -20.15 -13.98
N ARG A 165 -1.80 -21.28 -14.66
CA ARG A 165 -2.85 -22.29 -14.63
C ARG A 165 -3.16 -22.72 -13.20
N LEU A 166 -2.14 -23.07 -12.42
CA LEU A 166 -2.38 -23.46 -11.04
C LEU A 166 -3.04 -22.33 -10.24
N ARG A 167 -2.57 -21.09 -10.41
CA ARG A 167 -3.19 -19.99 -9.70
C ARG A 167 -4.67 -19.86 -10.04
N VAL A 168 -4.98 -19.80 -11.34
CA VAL A 168 -6.37 -19.63 -11.77
C VAL A 168 -7.23 -20.79 -11.32
N ALA A 169 -6.74 -22.02 -11.42
CA ALA A 169 -7.51 -23.15 -10.93
C ALA A 169 -7.80 -23.04 -9.45
N MET A 170 -6.78 -22.73 -8.65
CA MET A 170 -6.99 -22.62 -7.21
C MET A 170 -7.96 -21.49 -6.85
N CYS A 171 -7.86 -20.35 -7.52
CA CYS A 171 -8.80 -19.27 -7.23
C CYS A 171 -10.24 -19.72 -7.46
N HIS A 172 -10.50 -20.38 -8.58
CA HIS A 172 -11.85 -20.86 -8.85
C HIS A 172 -12.34 -21.82 -7.78
N MET A 173 -11.48 -22.74 -7.31
CA MET A 173 -11.91 -23.61 -6.22
C MET A 173 -12.14 -22.83 -4.94
N ILE A 174 -11.29 -21.86 -4.62
CA ILE A 174 -11.51 -21.06 -3.42
C ILE A 174 -12.86 -20.37 -3.48
N TYR A 175 -13.23 -19.86 -4.64
CA TYR A 175 -14.55 -19.24 -4.77
C TYR A 175 -15.68 -20.25 -4.69
N ARG A 176 -15.56 -21.37 -5.38
CA ARG A 176 -16.59 -22.40 -5.29
C ARG A 176 -16.85 -22.79 -3.85
N LYS A 177 -15.80 -22.89 -3.05
CA LYS A 177 -15.97 -23.19 -1.63
C LYS A 177 -16.63 -22.04 -0.89
N ALA A 178 -16.22 -20.81 -1.17
CA ALA A 178 -16.76 -19.66 -0.45
C ALA A 178 -18.27 -19.59 -0.53
N LEU A 179 -18.84 -19.93 -1.68
CA LEU A 179 -20.29 -19.98 -1.82
C LEU A 179 -20.95 -21.07 -0.99
N ARG A 180 -20.20 -22.03 -0.45
CA ARG A 180 -20.80 -23.19 0.20
C ARG A 180 -20.52 -23.28 1.69
N LEU A 181 -19.79 -22.34 2.27
CA LEU A 181 -19.46 -22.42 3.68
C LEU A 181 -20.70 -22.41 4.56
N SER A 182 -20.76 -23.33 5.50
CA SER A 182 -21.75 -23.27 6.57
C SER A 182 -21.53 -22.04 7.43
N ASN A 183 -22.61 -21.54 8.02
CA ASN A 183 -22.54 -20.33 8.83
C ASN A 183 -21.66 -20.48 10.06
N SER A 184 -21.37 -21.71 10.49
CA SER A 184 -20.31 -21.90 11.47
C SER A 184 -18.98 -21.41 10.93
N ALA A 185 -18.64 -21.80 9.70
CA ALA A 185 -17.31 -21.52 9.19
C ALA A 185 -17.09 -20.03 8.94
N MET A 186 -18.14 -19.29 8.60
CA MET A 186 -18.05 -17.84 8.59
C MET A 186 -17.70 -17.28 9.97
N GLY A 187 -17.97 -18.04 11.03
CA GLY A 187 -17.59 -17.59 12.35
C GLY A 187 -16.10 -17.74 12.62
N LYS A 188 -15.47 -18.75 12.03
CA LYS A 188 -14.04 -18.95 12.24
C LYS A 188 -13.22 -18.02 11.36
N THR A 189 -13.51 -18.02 10.06
CA THR A 189 -12.79 -17.20 9.10
C THR A 189 -13.31 -15.76 9.14
N THR A 190 -12.67 -14.90 8.36
CA THR A 190 -13.18 -13.56 8.08
C THR A 190 -12.95 -13.26 6.61
N THR A 191 -13.75 -12.33 6.08
CA THR A 191 -13.65 -12.01 4.67
C THR A 191 -12.25 -11.58 4.28
N GLY A 192 -11.61 -10.75 5.11
CA GLY A 192 -10.24 -10.37 4.82
C GLY A 192 -9.29 -11.55 4.82
N GLN A 193 -9.49 -12.50 5.73
CA GLN A 193 -8.63 -13.68 5.74
C GLN A 193 -8.87 -14.54 4.51
N ILE A 194 -10.12 -14.65 4.06
CA ILE A 194 -10.40 -15.38 2.82
C ILE A 194 -9.88 -14.62 1.60
N VAL A 195 -10.08 -13.30 1.56
CA VAL A 195 -9.58 -12.53 0.42
C VAL A 195 -8.07 -12.61 0.30
N ASN A 196 -7.34 -12.69 1.42
CA ASN A 196 -5.91 -12.88 1.33
C ASN A 196 -5.52 -14.20 0.69
N LEU A 197 -6.41 -15.18 0.65
CA LEU A 197 -6.11 -16.37 -0.15
C LEU A 197 -5.91 -16.01 -1.61
N LEU A 198 -6.76 -15.12 -2.16
CA LEU A 198 -6.59 -14.71 -3.54
C LEU A 198 -5.50 -13.65 -3.68
N SER A 199 -5.44 -12.70 -2.75
CA SER A 199 -4.51 -11.58 -2.86
C SER A 199 -3.07 -11.99 -2.58
N ASN A 200 -2.85 -12.91 -1.64
CA ASN A 200 -1.49 -13.26 -1.24
C ASN A 200 -1.15 -14.73 -1.50
N ASP A 201 -1.93 -15.66 -0.97
CA ASP A 201 -1.40 -17.00 -0.77
C ASP A 201 -1.36 -17.79 -2.07
N VAL A 202 -2.39 -17.66 -2.90
CA VAL A 202 -2.35 -18.30 -4.20
C VAL A 202 -1.29 -17.68 -5.09
N ASN A 203 -0.94 -16.41 -4.90
CA ASN A 203 0.10 -15.78 -5.71
C ASN A 203 1.50 -16.30 -5.40
N LYS A 204 1.67 -17.16 -4.40
CA LYS A 204 2.93 -17.90 -4.29
C LYS A 204 3.13 -18.86 -5.44
N PHE A 205 2.07 -19.54 -5.89
CA PHE A 205 2.25 -20.72 -6.72
C PHE A 205 2.88 -20.38 -8.07
N ASP A 206 2.53 -19.25 -8.66
CA ASP A 206 3.14 -18.89 -9.93
C ASP A 206 4.54 -18.31 -9.82
N GLN A 207 5.06 -18.12 -8.61
CA GLN A 207 6.50 -18.02 -8.39
C GLN A 207 7.16 -19.38 -8.21
N VAL A 208 6.56 -20.22 -7.38
CA VAL A 208 7.13 -21.51 -7.02
C VAL A 208 7.42 -22.38 -8.23
N THR A 209 6.56 -22.34 -9.24
CA THR A 209 6.82 -23.11 -10.46
C THR A 209 8.09 -22.72 -11.19
N ILE A 210 8.62 -21.52 -10.97
CA ILE A 210 9.93 -21.19 -11.54
C ILE A 210 11.03 -21.99 -10.85
N PHE A 211 11.07 -21.93 -9.53
CA PHE A 211 12.21 -22.38 -8.76
C PHE A 211 12.17 -23.86 -8.41
N LEU A 212 10.98 -24.47 -8.45
CA LEU A 212 10.82 -25.81 -7.90
C LEU A 212 11.93 -26.76 -8.33
N HIS A 213 12.20 -26.83 -9.64
CA HIS A 213 13.16 -27.83 -10.10
C HIS A 213 14.60 -27.52 -9.73
N PHE A 214 14.93 -26.33 -9.24
CA PHE A 214 16.26 -26.13 -8.68
C PHE A 214 16.48 -26.89 -7.39
N LEU A 215 15.42 -27.34 -6.72
CA LEU A 215 15.62 -28.17 -5.54
C LEU A 215 16.23 -29.51 -5.87
N TRP A 216 16.23 -29.92 -7.14
CA TRP A 216 17.01 -31.07 -7.60
C TRP A 216 18.10 -30.69 -8.60
N ALA A 217 17.83 -29.78 -9.53
CA ALA A 217 18.84 -29.42 -10.51
C ALA A 217 20.02 -28.69 -9.88
N GLY A 218 19.78 -27.95 -8.80
CA GLY A 218 20.85 -27.28 -8.09
C GLY A 218 21.84 -28.22 -7.45
N PRO A 219 21.37 -29.09 -6.56
CA PRO A 219 22.26 -30.10 -5.99
C PRO A 219 22.95 -30.97 -7.03
N LEU A 220 22.23 -31.42 -8.05
CA LEU A 220 22.85 -32.26 -9.07
C LEU A 220 23.92 -31.51 -9.85
N GLN A 221 23.66 -30.26 -10.22
CA GLN A 221 24.66 -29.49 -10.95
C GLN A 221 25.89 -29.19 -10.12
N ALA A 222 25.74 -28.98 -8.81
CA ALA A 222 26.92 -28.86 -7.96
C ALA A 222 27.78 -30.11 -8.02
N ILE A 223 27.16 -31.28 -8.00
CA ILE A 223 27.91 -32.53 -8.08
C ILE A 223 28.61 -32.66 -9.43
N VAL A 224 27.86 -32.49 -10.52
CA VAL A 224 28.47 -32.64 -11.84
C VAL A 224 29.57 -31.61 -12.06
N VAL A 225 29.33 -30.36 -11.67
CA VAL A 225 30.37 -29.35 -11.83
C VAL A 225 31.57 -29.64 -10.95
N THR A 226 31.34 -30.16 -9.73
CA THR A 226 32.46 -30.62 -8.93
C THR A 226 33.19 -31.77 -9.60
N ALA A 227 32.46 -32.71 -10.18
CA ALA A 227 33.10 -33.83 -10.86
C ALA A 227 33.94 -33.37 -12.03
N LEU A 228 33.44 -32.41 -12.82
CA LEU A 228 34.21 -31.93 -13.96
C LEU A 228 35.41 -31.08 -13.55
N LEU A 229 35.25 -30.26 -12.51
CA LEU A 229 36.41 -29.54 -11.99
C LEU A 229 37.48 -30.49 -11.48
N TRP A 230 37.08 -31.66 -11.00
CA TRP A 230 38.08 -32.66 -10.66
C TRP A 230 38.85 -33.12 -11.89
N MET A 231 38.20 -33.15 -13.05
CA MET A 231 38.91 -33.43 -14.29
C MET A 231 39.87 -32.31 -14.66
N GLU A 232 39.42 -31.05 -14.56
CA GLU A 232 40.26 -29.94 -14.99
C GLU A 232 41.41 -29.69 -14.03
N ILE A 233 41.15 -29.69 -12.73
CA ILE A 233 42.10 -29.21 -11.74
C ILE A 233 42.59 -30.34 -10.83
N GLY A 234 41.71 -31.24 -10.44
CA GLY A 234 42.02 -32.18 -9.37
C GLY A 234 41.62 -31.69 -8.00
N ILE A 235 42.32 -32.16 -6.97
CA ILE A 235 41.86 -31.97 -5.60
C ILE A 235 41.62 -30.51 -5.27
N SER A 236 42.31 -29.60 -5.94
CA SER A 236 42.12 -28.18 -5.69
C SER A 236 40.67 -27.75 -5.81
N CYS A 237 39.85 -28.47 -6.58
CA CYS A 237 38.46 -28.04 -6.76
C CYS A 237 37.71 -28.03 -5.44
N LEU A 238 38.12 -28.86 -4.48
CA LEU A 238 37.46 -28.86 -3.17
C LEU A 238 37.68 -27.56 -2.41
N ALA A 239 38.78 -26.85 -2.67
CA ALA A 239 38.97 -25.56 -2.02
C ALA A 239 37.94 -24.54 -2.48
N GLY A 240 37.71 -24.44 -3.78
CA GLY A 240 36.71 -23.51 -4.26
C GLY A 240 35.31 -23.88 -3.85
N MET A 241 35.00 -25.18 -3.85
CA MET A 241 33.68 -25.63 -3.42
C MET A 241 33.48 -25.46 -1.90
N ALA A 242 34.53 -25.64 -1.11
CA ALA A 242 34.39 -25.40 0.32
C ALA A 242 33.97 -23.96 0.61
N VAL A 243 34.65 -23.00 -0.02
CA VAL A 243 34.20 -21.61 0.07
C VAL A 243 32.78 -21.46 -0.47
N LEU A 244 32.52 -22.01 -1.65
CA LEU A 244 31.23 -21.82 -2.28
C LEU A 244 30.07 -22.30 -1.42
N ILE A 245 30.23 -23.42 -0.71
CA ILE A 245 29.17 -23.85 0.20
C ILE A 245 29.12 -22.99 1.46
N ILE A 246 30.28 -22.53 1.94
CA ILE A 246 30.29 -21.66 3.12
C ILE A 246 29.60 -20.34 2.86
N LEU A 247 29.42 -19.95 1.60
CA LEU A 247 28.64 -18.75 1.33
C LEU A 247 27.17 -18.90 1.69
N LEU A 248 26.58 -20.09 1.54
CA LEU A 248 25.14 -20.20 1.82
C LEU A 248 24.82 -20.00 3.30
N PRO A 249 25.52 -20.61 4.25
CA PRO A 249 25.33 -20.20 5.64
C PRO A 249 25.56 -18.72 5.92
N LEU A 250 26.63 -18.15 5.37
CA LEU A 250 26.93 -16.74 5.63
C LEU A 250 25.84 -15.82 5.08
N GLN A 251 25.38 -16.07 3.86
CA GLN A 251 24.31 -15.25 3.29
C GLN A 251 23.00 -15.40 4.07
N SER A 252 22.66 -16.62 4.49
CA SER A 252 21.50 -16.80 5.35
C SER A 252 21.66 -16.11 6.69
N CYS A 253 22.81 -16.24 7.34
CA CYS A 253 23.02 -15.55 8.60
C CYS A 253 22.85 -14.04 8.47
N ILE A 254 23.46 -13.43 7.46
CA ILE A 254 23.23 -12.01 7.19
C ILE A 254 21.75 -11.70 7.03
N GLY A 255 21.03 -12.55 6.32
CA GLY A 255 19.58 -12.40 6.24
C GLY A 255 18.87 -12.32 7.58
N LYS A 256 19.33 -13.07 8.58
CA LYS A 256 18.73 -12.95 9.90
C LYS A 256 19.02 -11.61 10.57
N LEU A 257 20.28 -11.17 10.57
CA LEU A 257 20.59 -9.86 11.13
C LEU A 257 19.82 -8.74 10.44
N PHE A 258 19.74 -8.76 9.11
CA PHE A 258 18.93 -7.80 8.40
C PHE A 258 17.46 -7.85 8.81
N SER A 259 16.88 -9.05 8.84
CA SER A 259 15.49 -9.17 9.26
C SER A 259 15.26 -8.61 10.67
N SER A 260 16.14 -8.90 11.62
CA SER A 260 16.00 -8.29 12.94
C SER A 260 16.08 -6.77 12.89
N LEU A 261 17.13 -6.23 12.26
CA LEU A 261 17.25 -4.79 12.12
C LEU A 261 16.09 -4.18 11.34
N ARG A 262 15.67 -4.83 10.26
CA ARG A 262 14.48 -4.39 9.54
C ARG A 262 13.24 -4.35 10.42
N SER A 263 13.03 -5.38 11.24
CA SER A 263 11.92 -5.35 12.19
C SER A 263 12.05 -4.23 13.21
N LYS A 264 13.24 -4.05 13.79
CA LYS A 264 13.44 -3.00 14.79
C LYS A 264 13.16 -1.61 14.25
N THR A 265 13.68 -1.27 13.09
CA THR A 265 13.50 0.08 12.54
C THR A 265 12.04 0.41 12.28
N ALA A 266 11.21 -0.57 11.96
CA ALA A 266 9.81 -0.30 11.63
C ALA A 266 9.08 0.46 12.73
N ALA A 267 9.42 0.20 13.99
CA ALA A 267 8.82 0.96 15.08
C ALA A 267 9.05 2.47 14.96
N PHE A 268 10.28 2.90 14.70
CA PHE A 268 10.55 4.31 14.41
C PHE A 268 9.78 4.84 13.21
N THR A 269 9.86 4.13 12.08
CA THR A 269 9.09 4.56 10.91
C THR A 269 7.63 4.84 11.23
N ASP A 270 6.95 3.88 11.86
CA ASP A 270 5.57 4.11 12.28
C ASP A 270 5.45 5.27 13.25
N THR A 271 6.34 5.36 14.24
CA THR A 271 6.37 6.52 15.12
C THR A 271 6.46 7.83 14.34
N ARG A 272 7.37 7.90 13.37
CA ARG A 272 7.49 9.11 12.56
C ARG A 272 6.24 9.39 11.76
N ILE A 273 5.78 8.41 10.99
CA ILE A 273 4.61 8.62 10.13
C ILE A 273 3.38 9.04 10.93
N ARG A 274 3.12 8.38 12.07
CA ARG A 274 2.03 8.84 12.93
C ARG A 274 2.25 10.27 13.40
N THR A 275 3.43 10.60 13.93
CA THR A 275 3.71 11.99 14.26
C THR A 275 3.54 12.89 13.05
N MET A 276 4.07 12.47 11.90
CA MET A 276 3.91 13.24 10.68
C MET A 276 2.44 13.43 10.30
N ASN A 277 1.65 12.36 10.39
CA ASN A 277 0.23 12.48 10.06
C ASN A 277 -0.51 13.46 10.96
N GLU A 278 -0.32 13.35 12.28
CA GLU A 278 -0.88 14.37 13.18
C GLU A 278 -0.30 15.77 12.90
N VAL A 279 0.97 15.86 12.51
CA VAL A 279 1.51 17.15 12.09
C VAL A 279 0.74 17.71 10.90
N ILE A 280 0.68 16.94 9.80
CA ILE A 280 -0.02 17.42 8.61
C ILE A 280 -1.49 17.73 8.90
N THR A 281 -2.18 16.82 9.58
CA THR A 281 -3.55 17.08 9.99
C THR A 281 -3.69 18.35 10.81
N GLY A 282 -2.84 18.53 11.81
CA GLY A 282 -2.91 19.69 12.69
C GLY A 282 -2.32 20.97 12.15
N ILE A 283 -1.70 20.94 10.97
CA ILE A 283 -0.79 21.99 10.56
C ILE A 283 -1.39 23.38 10.74
N ARG A 284 -2.67 23.53 10.43
CA ARG A 284 -3.30 24.83 10.62
C ARG A 284 -3.24 25.28 12.08
N ILE A 285 -3.60 24.40 13.01
CA ILE A 285 -3.50 24.72 14.42
C ILE A 285 -2.04 24.76 14.88
N ILE A 286 -1.21 23.82 14.42
CA ILE A 286 0.22 23.90 14.69
C ILE A 286 0.78 25.27 14.35
N LYS A 287 0.44 25.79 13.17
CA LYS A 287 0.95 27.10 12.76
C LYS A 287 0.48 28.20 13.72
N MET A 288 -0.78 28.20 14.10
CA MET A 288 -1.28 29.30 14.92
C MET A 288 -0.65 29.33 16.30
N TYR A 289 -0.33 28.19 16.89
CA TYR A 289 0.42 28.18 18.15
C TYR A 289 1.91 28.35 17.97
N ALA A 290 2.41 28.44 16.74
CA ALA A 290 3.83 28.52 16.45
C ALA A 290 4.63 27.36 17.03
N TRP A 291 3.97 26.22 17.25
CA TRP A 291 4.64 25.01 17.74
C TRP A 291 5.50 24.35 16.69
N GLU A 292 5.63 24.96 15.51
CA GLU A 292 6.32 24.32 14.41
C GLU A 292 7.77 23.98 14.74
N LYS A 293 8.41 24.77 15.60
CA LYS A 293 9.72 24.39 16.11
C LYS A 293 9.71 23.05 16.85
N SER A 294 8.68 22.79 17.65
CA SER A 294 8.62 21.55 18.41
C SER A 294 8.62 20.31 17.51
N PHE A 295 7.68 20.25 16.57
CA PHE A 295 7.62 19.12 15.65
C PHE A 295 8.85 19.01 14.76
N ALA A 296 9.45 20.13 14.37
CA ALA A 296 10.75 20.06 13.70
C ALA A 296 11.79 19.33 14.55
N ASP A 297 11.93 19.70 15.82
CA ASP A 297 12.77 18.93 16.74
C ASP A 297 12.34 17.48 16.85
N LEU A 298 11.05 17.24 17.06
CA LEU A 298 10.54 15.88 17.20
C LEU A 298 10.81 15.00 15.97
N ILE A 299 10.38 15.44 14.79
CA ILE A 299 10.63 14.66 13.58
C ILE A 299 12.12 14.46 13.31
N THR A 300 12.93 15.49 13.45
CA THR A 300 14.37 15.30 13.24
C THR A 300 14.96 14.29 14.22
N ASN A 301 14.54 14.29 15.48
CA ASN A 301 14.94 13.21 16.37
C ASN A 301 14.50 11.85 15.86
N LEU A 302 13.22 11.70 15.50
CA LEU A 302 12.77 10.43 14.94
C LEU A 302 13.51 10.08 13.65
N ARG A 303 13.70 11.04 12.75
CA ARG A 303 14.42 10.74 11.52
C ARG A 303 15.90 10.48 11.75
N ARG A 304 16.53 11.17 12.70
CA ARG A 304 17.90 10.83 13.07
C ARG A 304 18.03 9.36 13.44
N LYS A 305 17.21 8.92 14.41
CA LYS A 305 17.19 7.52 14.82
C LYS A 305 16.87 6.55 13.69
N GLU A 306 15.83 6.84 12.91
CA GLU A 306 15.47 5.92 11.84
C GLU A 306 16.59 5.75 10.81
N ILE A 307 17.20 6.83 10.34
CA ILE A 307 18.29 6.64 9.39
C ILE A 307 19.49 6.00 10.06
N SER A 308 19.65 6.17 11.37
CA SER A 308 20.70 5.43 12.08
C SER A 308 20.50 3.92 11.93
N LYS A 309 19.29 3.43 12.18
CA LYS A 309 18.96 2.03 11.93
C LYS A 309 19.07 1.67 10.45
N ILE A 310 18.53 2.51 9.56
CA ILE A 310 18.62 2.22 8.14
C ILE A 310 20.06 2.15 7.65
N LEU A 311 20.95 2.98 8.18
CA LEU A 311 22.35 2.87 7.80
C LEU A 311 22.94 1.52 8.18
N ARG A 312 22.84 1.14 9.45
CA ARG A 312 23.30 -0.18 9.87
C ARG A 312 22.69 -1.30 9.03
N SER A 313 21.37 -1.35 8.93
CA SER A 313 20.74 -2.36 8.09
C SER A 313 21.24 -2.27 6.64
N SER A 314 21.37 -1.07 6.09
CA SER A 314 21.83 -0.96 4.71
C SER A 314 23.29 -1.37 4.55
N TYR A 315 24.18 -0.99 5.47
CA TYR A 315 25.54 -1.53 5.40
C TYR A 315 25.54 -3.04 5.43
N LEU A 316 24.82 -3.62 6.38
CA LEU A 316 24.71 -5.07 6.45
C LEU A 316 24.23 -5.66 5.12
N ARG A 317 23.27 -5.02 4.47
CA ARG A 317 22.82 -5.51 3.17
C ARG A 317 23.82 -5.24 2.06
N GLY A 318 24.60 -4.16 2.15
CA GLY A 318 25.71 -3.97 1.23
C GLY A 318 26.77 -5.07 1.29
N MET A 319 27.04 -5.59 2.49
CA MET A 319 27.87 -6.79 2.61
C MET A 319 27.29 -7.98 1.85
N ASN A 320 25.96 -8.08 1.76
CA ASN A 320 25.35 -9.15 0.98
C ASN A 320 25.69 -9.03 -0.51
N LEU A 321 25.35 -7.90 -1.13
CA LEU A 321 25.66 -7.71 -2.54
C LEU A 321 27.15 -7.70 -2.81
N ALA A 322 27.95 -7.15 -1.90
CA ALA A 322 29.41 -7.26 -2.03
C ALA A 322 29.86 -8.71 -2.11
N SER A 323 29.31 -9.58 -1.26
CA SER A 323 29.58 -11.02 -1.34
C SER A 323 29.33 -11.58 -2.74
N PHE A 324 28.16 -11.34 -3.31
CA PHE A 324 27.90 -11.79 -4.69
C PHE A 324 28.92 -11.26 -5.68
N PHE A 325 29.39 -10.02 -5.49
CA PHE A 325 30.43 -9.50 -6.36
C PHE A 325 31.75 -10.23 -6.17
N VAL A 326 32.30 -10.20 -4.95
CA VAL A 326 33.61 -10.78 -4.68
C VAL A 326 33.61 -12.29 -4.63
N ALA A 327 32.46 -12.93 -4.38
CA ALA A 327 32.41 -14.38 -4.25
C ALA A 327 33.18 -15.08 -5.36
N SER A 328 32.88 -14.77 -6.62
CA SER A 328 33.58 -15.42 -7.72
C SER A 328 35.09 -15.24 -7.62
N LYS A 329 35.54 -14.06 -7.23
CA LYS A 329 36.98 -13.80 -7.19
C LYS A 329 37.69 -14.49 -6.03
N ILE A 330 37.01 -14.69 -4.90
CA ILE A 330 37.61 -15.45 -3.82
C ILE A 330 37.60 -16.94 -4.11
N ILE A 331 36.52 -17.45 -4.69
CA ILE A 331 36.44 -18.87 -5.01
C ILE A 331 37.60 -19.27 -5.91
N VAL A 332 37.83 -18.48 -6.97
CA VAL A 332 38.91 -18.79 -7.90
C VAL A 332 40.27 -18.50 -7.30
N PHE A 333 40.38 -17.53 -6.39
CA PHE A 333 41.65 -17.31 -5.70
C PHE A 333 42.07 -18.53 -4.89
N VAL A 334 41.21 -18.99 -3.98
CA VAL A 334 41.57 -20.11 -3.11
C VAL A 334 41.80 -21.38 -3.94
N THR A 335 41.03 -21.55 -5.01
CA THR A 335 41.19 -22.73 -5.84
C THR A 335 42.56 -22.78 -6.50
N PHE A 336 42.94 -21.72 -7.19
CA PHE A 336 44.22 -21.71 -7.89
C PHE A 336 45.41 -21.44 -6.99
N THR A 337 45.23 -20.78 -5.85
CA THR A 337 46.31 -20.69 -4.88
C THR A 337 46.70 -22.07 -4.34
N THR A 338 45.72 -22.88 -3.97
CA THR A 338 46.04 -24.24 -3.53
C THR A 338 46.57 -25.07 -4.69
N TYR A 339 46.03 -24.87 -5.88
CA TYR A 339 46.50 -25.61 -7.06
C TYR A 339 47.97 -25.38 -7.32
N VAL A 340 48.44 -24.13 -7.19
CA VAL A 340 49.85 -23.86 -7.45
C VAL A 340 50.75 -24.31 -6.29
N PHE A 341 50.27 -24.25 -5.05
CA PHE A 341 51.06 -24.81 -3.95
C PHE A 341 51.20 -26.32 -4.05
N LEU A 342 50.19 -27.01 -4.58
CA LEU A 342 50.31 -28.43 -4.86
C LEU A 342 51.29 -28.73 -5.97
N GLY A 343 51.87 -27.71 -6.61
CA GLY A 343 52.93 -27.88 -7.58
C GLY A 343 52.49 -27.90 -9.02
N ASN A 344 51.20 -27.71 -9.31
CA ASN A 344 50.72 -27.65 -10.67
C ASN A 344 51.03 -26.29 -11.28
N VAL A 345 51.38 -26.26 -12.54
CA VAL A 345 51.57 -25.00 -13.25
C VAL A 345 50.22 -24.56 -13.81
N ILE A 346 50.03 -23.25 -13.88
CA ILE A 346 48.82 -22.69 -14.47
C ILE A 346 48.96 -22.62 -15.98
N THR A 347 47.94 -23.09 -16.69
CA THR A 347 47.90 -23.06 -18.14
C THR A 347 46.50 -22.63 -18.57
N ALA A 348 46.45 -21.86 -19.66
CA ALA A 348 45.24 -21.13 -20.02
C ALA A 348 44.01 -22.02 -20.11
N SER A 349 44.14 -23.23 -20.65
CA SER A 349 42.98 -24.10 -20.78
C SER A 349 42.38 -24.43 -19.41
N ARG A 350 43.17 -25.04 -18.55
CA ARG A 350 42.64 -25.52 -17.27
C ARG A 350 42.15 -24.38 -16.39
N VAL A 351 42.85 -23.25 -16.40
CA VAL A 351 42.43 -22.12 -15.58
C VAL A 351 41.09 -21.56 -16.06
N PHE A 352 40.94 -21.30 -17.35
CA PHE A 352 39.72 -20.65 -17.84
C PHE A 352 38.55 -21.60 -18.05
N VAL A 353 38.79 -22.90 -18.27
CA VAL A 353 37.70 -23.85 -18.18
C VAL A 353 37.19 -23.95 -16.75
N ALA A 354 38.09 -24.02 -15.77
CA ALA A 354 37.69 -24.02 -14.36
C ALA A 354 36.95 -22.76 -13.96
N VAL A 355 37.50 -21.60 -14.31
CA VAL A 355 36.81 -20.33 -14.05
C VAL A 355 35.39 -20.35 -14.61
N SER A 356 35.22 -20.89 -15.81
CA SER A 356 33.89 -20.92 -16.41
C SER A 356 32.96 -21.89 -15.70
N LEU A 357 33.49 -23.03 -15.22
CA LEU A 357 32.65 -23.97 -14.48
C LEU A 357 32.17 -23.41 -13.17
N TYR A 358 33.01 -22.67 -12.44
CA TYR A 358 32.53 -21.97 -11.26
C TYR A 358 31.42 -21.00 -11.60
N GLY A 359 31.55 -20.31 -12.73
CA GLY A 359 30.46 -19.44 -13.15
C GLY A 359 29.14 -20.14 -13.34
N ALA A 360 29.15 -21.39 -13.81
CA ALA A 360 27.90 -22.13 -13.93
C ALA A 360 27.32 -22.50 -12.58
N VAL A 361 28.11 -23.12 -11.70
CA VAL A 361 27.57 -23.58 -10.42
C VAL A 361 27.39 -22.44 -9.43
N ARG A 362 28.27 -21.44 -9.47
CA ARG A 362 28.23 -20.38 -8.48
C ARG A 362 26.86 -19.70 -8.44
N LEU A 363 26.36 -19.30 -9.60
CA LEU A 363 25.10 -18.58 -9.63
C LEU A 363 23.92 -19.46 -9.21
N THR A 364 23.88 -20.72 -9.64
CA THR A 364 22.76 -21.58 -9.28
C THR A 364 22.79 -22.03 -7.84
N VAL A 365 23.97 -22.27 -7.28
CA VAL A 365 24.06 -22.72 -5.89
C VAL A 365 23.93 -21.57 -4.91
N THR A 366 24.46 -20.40 -5.23
CA THR A 366 24.35 -19.29 -4.28
C THR A 366 23.09 -18.45 -4.43
N LEU A 367 22.58 -18.30 -5.66
CA LEU A 367 21.38 -17.49 -5.89
C LEU A 367 20.11 -18.34 -6.02
N PHE A 368 20.03 -19.19 -7.03
CA PHE A 368 18.77 -19.85 -7.35
C PHE A 368 18.37 -20.89 -6.31
N PHE A 369 19.28 -21.79 -5.94
CA PHE A 369 18.90 -22.84 -5.00
C PHE A 369 18.48 -22.31 -3.64
N PRO A 370 19.19 -21.38 -3.01
CA PRO A 370 18.64 -20.76 -1.79
C PRO A 370 17.29 -20.11 -1.99
N SER A 371 17.07 -19.45 -3.14
CA SER A 371 15.75 -18.90 -3.43
C SER A 371 14.70 -19.98 -3.58
N ALA A 372 15.06 -21.12 -4.16
CA ALA A 372 14.10 -22.21 -4.29
C ALA A 372 13.68 -22.78 -2.94
N VAL A 373 14.64 -22.96 -2.03
CA VAL A 373 14.28 -23.48 -0.71
C VAL A 373 13.37 -22.52 0.04
N GLU A 374 13.64 -21.22 -0.07
CA GLU A 374 12.75 -20.23 0.55
C GLU A 374 11.35 -20.28 -0.07
N LYS A 375 11.26 -20.08 -1.39
CA LYS A 375 9.95 -19.87 -2.01
C LYS A 375 9.12 -21.14 -2.07
N VAL A 376 9.74 -22.31 -2.25
CA VAL A 376 8.98 -23.55 -2.16
C VAL A 376 8.53 -23.82 -0.73
N SER A 377 9.28 -23.36 0.26
CA SER A 377 8.80 -23.45 1.63
C SER A 377 7.55 -22.60 1.83
N GLU A 378 7.58 -21.37 1.32
CA GLU A 378 6.38 -20.53 1.33
C GLU A 378 5.23 -21.13 0.53
N ALA A 379 5.52 -21.91 -0.51
CA ALA A 379 4.45 -22.64 -1.20
C ALA A 379 3.73 -23.59 -0.26
N PHE A 380 4.48 -24.42 0.47
CA PHE A 380 3.84 -25.40 1.33
C PHE A 380 3.08 -24.75 2.48
N VAL A 381 3.57 -23.64 3.01
CA VAL A 381 2.77 -22.88 3.95
C VAL A 381 1.45 -22.46 3.32
N SER A 382 1.51 -21.88 2.12
CA SER A 382 0.29 -21.46 1.43
C SER A 382 -0.62 -22.64 1.08
N ILE A 383 -0.06 -23.72 0.52
CA ILE A 383 -0.90 -24.87 0.20
C ILE A 383 -1.56 -25.43 1.46
N ARG A 384 -0.80 -25.54 2.53
CA ARG A 384 -1.36 -26.05 3.78
C ARG A 384 -2.49 -25.15 4.27
N ARG A 385 -2.34 -23.84 4.11
CA ARG A 385 -3.40 -22.91 4.49
C ARG A 385 -4.66 -23.08 3.63
N ILE A 386 -4.50 -23.18 2.31
CA ILE A 386 -5.65 -23.37 1.44
C ILE A 386 -6.33 -24.69 1.69
N LYS A 387 -5.55 -25.75 1.92
CA LYS A 387 -6.14 -27.04 2.30
C LYS A 387 -7.08 -26.91 3.47
N ASN A 388 -6.74 -26.08 4.46
CA ASN A 388 -7.64 -25.85 5.57
C ASN A 388 -8.94 -25.19 5.11
N PHE A 389 -8.84 -24.14 4.30
CA PHE A 389 -10.06 -23.46 3.87
C PHE A 389 -10.96 -24.36 3.04
N LEU A 390 -10.39 -25.09 2.09
CA LEU A 390 -11.17 -26.04 1.31
C LEU A 390 -11.81 -27.12 2.16
N LEU A 391 -11.42 -27.26 3.42
CA LEU A 391 -11.88 -28.34 4.27
C LEU A 391 -12.72 -27.87 5.45
N LEU A 392 -13.07 -26.58 5.51
CA LEU A 392 -14.08 -26.14 6.46
C LEU A 392 -15.42 -26.81 6.20
N ASP A 393 -16.30 -26.71 7.20
CA ASP A 393 -17.62 -27.31 7.14
C ASP A 393 -18.43 -26.71 6.00
N GLU A 394 -19.18 -27.56 5.30
CA GLU A 394 -19.97 -27.14 4.15
C GLU A 394 -21.47 -27.26 4.47
N ILE A 395 -22.24 -26.31 3.96
CA ILE A 395 -23.69 -26.40 4.06
C ILE A 395 -24.17 -27.60 3.26
N THR A 396 -25.25 -28.22 3.73
CA THR A 396 -25.73 -29.50 3.20
C THR A 396 -27.22 -29.36 2.89
N GLN A 397 -27.51 -28.58 1.85
CA GLN A 397 -28.88 -28.46 1.36
C GLN A 397 -29.29 -29.73 0.63
N LEU A 398 -30.57 -30.06 0.72
CA LEU A 398 -31.11 -31.28 0.11
C LEU A 398 -31.04 -31.18 -1.41
N MET A 408 -47.60 -25.14 -3.89
CA MET A 408 -46.55 -24.74 -2.96
C MET A 408 -47.07 -24.72 -1.53
N ILE A 409 -46.20 -25.09 -0.60
CA ILE A 409 -46.58 -25.25 0.80
C ILE A 409 -45.37 -24.93 1.65
N VAL A 410 -45.63 -24.39 2.84
CA VAL A 410 -44.64 -24.33 3.90
C VAL A 410 -45.24 -24.92 5.16
N ASN A 411 -44.48 -25.80 5.80
CA ASN A 411 -44.90 -26.48 7.02
C ASN A 411 -43.69 -26.55 7.94
N VAL A 412 -43.91 -26.33 9.22
CA VAL A 412 -42.86 -26.43 10.22
C VAL A 412 -43.33 -27.25 11.41
N GLN A 413 -42.41 -28.02 11.96
CA GLN A 413 -42.65 -29.07 12.93
C GLN A 413 -41.73 -28.75 14.09
N ASP A 414 -42.02 -29.27 15.27
CA ASP A 414 -41.66 -28.53 16.47
C ASP A 414 -40.17 -28.69 16.69
N PHE A 415 -39.49 -27.56 16.76
CA PHE A 415 -38.11 -27.45 16.33
C PHE A 415 -37.31 -26.62 17.31
N THR A 416 -36.06 -27.00 17.51
CA THR A 416 -35.12 -26.27 18.34
C THR A 416 -33.78 -26.24 17.63
N ALA A 417 -33.11 -25.09 17.64
CA ALA A 417 -31.85 -24.95 16.92
C ALA A 417 -30.89 -24.04 17.69
N PHE A 418 -29.61 -24.39 17.59
CA PHE A 418 -28.52 -23.64 18.19
C PHE A 418 -27.67 -23.06 17.07
N TRP A 419 -27.46 -21.74 17.08
CA TRP A 419 -26.43 -21.19 16.21
C TRP A 419 -25.07 -21.77 16.54
N ASP A 420 -24.88 -22.19 17.79
CA ASP A 420 -23.65 -22.84 18.21
C ASP A 420 -24.00 -23.89 19.24
N LYS A 421 -23.61 -25.14 18.98
CA LYS A 421 -23.83 -26.19 19.96
C LYS A 421 -23.04 -25.95 21.23
N ALA A 422 -22.07 -25.03 21.20
CA ALA A 422 -21.40 -24.57 22.41
C ALA A 422 -22.29 -23.66 23.26
N SER A 423 -23.40 -23.16 22.71
CA SER A 423 -24.36 -22.43 23.52
C SER A 423 -25.05 -23.36 24.50
N ASP A 424 -25.28 -22.85 25.71
CA ASP A 424 -26.06 -23.59 26.71
C ASP A 424 -27.55 -23.61 26.38
N THR A 425 -28.03 -22.76 25.49
CA THR A 425 -29.46 -22.64 25.24
C THR A 425 -29.70 -22.46 23.75
N PRO A 426 -30.87 -22.89 23.26
CA PRO A 426 -31.17 -22.74 21.84
C PRO A 426 -31.41 -21.29 21.44
N THR A 427 -31.33 -21.05 20.13
CA THR A 427 -31.67 -19.76 19.56
C THR A 427 -33.04 -19.75 18.90
N LEU A 428 -33.58 -20.91 18.58
CA LEU A 428 -35.01 -21.08 18.31
C LEU A 428 -35.46 -22.35 19.01
N GLN A 429 -36.67 -22.33 19.58
CA GLN A 429 -37.10 -23.41 20.44
C GLN A 429 -38.58 -23.73 20.28
N SER A 430 -38.88 -25.03 20.22
CA SER A 430 -40.22 -25.59 20.13
C SER A 430 -41.04 -25.07 18.95
N LEU A 431 -40.44 -24.34 18.01
CA LEU A 431 -41.25 -23.62 17.04
C LEU A 431 -41.89 -24.59 16.07
N SER A 432 -43.18 -24.39 15.80
CA SER A 432 -43.86 -25.05 14.70
C SER A 432 -44.91 -24.09 14.15
N PHE A 433 -45.04 -24.07 12.83
CA PHE A 433 -46.01 -23.21 12.16
C PHE A 433 -46.12 -23.67 10.72
N THR A 434 -47.20 -23.23 10.06
CA THR A 434 -47.36 -23.49 8.64
C THR A 434 -48.14 -22.36 7.99
N VAL A 435 -47.88 -22.15 6.71
CA VAL A 435 -48.54 -21.11 5.94
C VAL A 435 -48.56 -21.56 4.48
N ARG A 436 -49.58 -21.14 3.74
CA ARG A 436 -49.71 -21.52 2.35
C ARG A 436 -50.14 -20.33 1.50
N PRO A 437 -50.05 -20.43 0.18
CA PRO A 437 -50.26 -19.24 -0.66
C PRO A 437 -51.60 -18.57 -0.38
N GLY A 438 -51.59 -17.24 -0.45
CA GLY A 438 -52.74 -16.46 -0.05
C GLY A 438 -52.81 -16.15 1.42
N GLU A 439 -51.67 -16.13 2.11
CA GLU A 439 -51.62 -15.79 3.52
C GLU A 439 -50.45 -14.85 3.75
N LEU A 440 -50.52 -14.10 4.84
CA LEU A 440 -49.36 -13.38 5.38
C LEU A 440 -49.15 -13.78 6.83
N LEU A 441 -47.97 -14.31 7.13
CA LEU A 441 -47.58 -14.65 8.49
C LEU A 441 -46.57 -13.63 9.00
N ALA A 442 -46.93 -12.91 10.06
CA ALA A 442 -46.02 -11.96 10.68
C ALA A 442 -45.19 -12.62 11.77
N VAL A 443 -44.01 -12.06 12.02
CA VAL A 443 -43.15 -12.46 13.13
C VAL A 443 -42.77 -11.22 13.93
N VAL A 444 -42.99 -11.29 15.25
CA VAL A 444 -43.05 -10.11 16.11
C VAL A 444 -42.35 -10.43 17.42
N GLY A 445 -41.86 -9.39 18.09
CA GLY A 445 -41.16 -9.54 19.34
C GLY A 445 -39.96 -8.64 19.49
N PRO A 446 -39.26 -8.76 20.62
CA PRO A 446 -38.11 -7.88 20.88
C PRO A 446 -36.98 -8.05 19.87
N VAL A 447 -36.02 -7.13 20.00
CA VAL A 447 -34.75 -7.24 19.29
C VAL A 447 -33.94 -8.40 19.86
N GLY A 448 -33.38 -9.22 18.97
CA GLY A 448 -32.64 -10.39 19.39
C GLY A 448 -33.48 -11.53 19.90
N ALA A 449 -34.81 -11.43 19.81
CA ALA A 449 -35.68 -12.47 20.33
C ALA A 449 -35.69 -13.72 19.47
N GLY A 450 -35.10 -13.65 18.27
CA GLY A 450 -35.10 -14.76 17.34
C GLY A 450 -35.73 -14.42 16.01
N LYS A 451 -36.32 -13.24 15.87
CA LYS A 451 -37.12 -12.91 14.70
C LYS A 451 -36.37 -13.20 13.41
N SER A 452 -35.16 -12.65 13.26
CA SER A 452 -34.40 -12.92 12.06
C SER A 452 -33.94 -14.36 11.99
N SER A 453 -33.76 -15.01 13.14
CA SER A 453 -33.36 -16.41 13.13
C SER A 453 -34.46 -17.32 12.57
N LEU A 454 -35.73 -16.95 12.77
CA LEU A 454 -36.81 -17.69 12.14
C LEU A 454 -36.69 -17.68 10.62
N LEU A 455 -36.50 -16.50 10.02
CA LEU A 455 -36.35 -16.44 8.58
C LEU A 455 -35.17 -17.28 8.09
N SER A 456 -34.06 -17.26 8.82
CA SER A 456 -32.94 -18.11 8.45
C SER A 456 -33.30 -19.58 8.51
N ALA A 457 -34.19 -19.97 9.43
CA ALA A 457 -34.57 -21.37 9.53
C ALA A 457 -35.44 -21.80 8.37
N VAL A 458 -36.39 -20.96 7.96
CA VAL A 458 -37.17 -21.27 6.78
C VAL A 458 -36.29 -21.28 5.54
N LEU A 459 -35.29 -20.40 5.48
CA LEU A 459 -34.35 -20.42 4.36
C LEU A 459 -33.42 -21.63 4.41
N GLY A 460 -33.21 -22.21 5.58
CA GLY A 460 -32.37 -23.38 5.71
C GLY A 460 -30.94 -23.09 6.13
N GLU A 461 -30.64 -21.86 6.53
CA GLU A 461 -29.30 -21.55 7.03
C GLU A 461 -29.04 -22.25 8.35
N LEU A 462 -30.04 -22.31 9.21
CA LEU A 462 -29.92 -22.87 10.56
C LEU A 462 -30.47 -24.28 10.57
N PRO A 463 -29.63 -25.32 10.60
CA PRO A 463 -30.14 -26.70 10.59
C PRO A 463 -30.75 -27.08 11.93
N PRO A 464 -31.60 -28.09 11.95
CA PRO A 464 -32.26 -28.46 13.21
C PRO A 464 -31.33 -29.18 14.16
N ASN A 465 -31.42 -28.81 15.44
CA ASN A 465 -31.04 -29.74 16.50
C ASN A 465 -32.14 -30.75 16.78
N GLN A 466 -33.40 -30.33 16.64
CA GLN A 466 -34.52 -31.25 16.71
C GLN A 466 -35.66 -30.68 15.87
N GLY A 467 -36.59 -31.56 15.51
CA GLY A 467 -37.66 -31.17 14.62
C GLY A 467 -37.14 -30.99 13.21
N GLN A 468 -38.03 -30.50 12.34
CA GLN A 468 -37.69 -30.41 10.93
C GLN A 468 -38.55 -29.36 10.26
N VAL A 469 -38.05 -28.87 9.13
CA VAL A 469 -38.74 -27.92 8.26
C VAL A 469 -38.88 -28.55 6.88
N SER A 470 -40.00 -28.27 6.22
CA SER A 470 -40.15 -28.67 4.82
C SER A 470 -40.97 -27.64 4.08
N VAL A 471 -40.68 -27.50 2.78
CA VAL A 471 -41.25 -26.44 1.94
C VAL A 471 -41.36 -26.98 0.52
N HIS A 472 -42.25 -26.37 -0.26
CA HIS A 472 -42.19 -26.44 -1.71
C HIS A 472 -42.44 -25.07 -2.32
N GLY A 473 -41.59 -24.70 -3.28
CA GLY A 473 -41.67 -23.40 -3.93
C GLY A 473 -40.33 -22.69 -4.00
N ARG A 474 -40.18 -21.79 -4.97
CA ARG A 474 -38.99 -20.95 -5.01
C ARG A 474 -39.00 -19.94 -3.87
N ILE A 475 -37.89 -19.84 -3.18
CA ILE A 475 -37.71 -18.91 -2.07
C ILE A 475 -37.21 -17.57 -2.60
N ALA A 476 -37.65 -16.50 -1.95
CA ALA A 476 -37.02 -15.19 -2.08
C ALA A 476 -36.68 -14.68 -0.69
N TYR A 477 -35.57 -13.96 -0.62
CA TYR A 477 -35.05 -13.48 0.66
C TYR A 477 -34.65 -12.02 0.51
N VAL A 478 -34.99 -11.21 1.51
CA VAL A 478 -34.55 -9.82 1.59
C VAL A 478 -33.94 -9.60 2.96
N SER A 479 -32.67 -9.21 2.99
CA SER A 479 -31.96 -9.04 4.25
C SER A 479 -32.17 -7.63 4.81
N GLN A 480 -32.19 -7.54 6.13
CA GLN A 480 -32.42 -6.25 6.77
C GLN A 480 -31.29 -5.29 6.47
N GLN A 481 -30.07 -5.80 6.37
CA GLN A 481 -28.96 -5.06 5.78
C GLN A 481 -28.95 -5.31 4.27
N PRO A 482 -29.22 -4.31 3.44
CA PRO A 482 -29.27 -4.58 2.00
C PRO A 482 -27.91 -4.97 1.47
N TRP A 483 -27.93 -5.63 0.31
CA TRP A 483 -26.71 -5.97 -0.41
C TRP A 483 -26.89 -5.66 -1.89
N VAL A 484 -25.84 -5.08 -2.49
CA VAL A 484 -25.81 -4.79 -3.92
C VAL A 484 -24.37 -4.95 -4.38
N PHE A 485 -24.20 -5.33 -5.64
CA PHE A 485 -22.89 -5.77 -6.12
C PHE A 485 -22.56 -5.04 -7.42
N SER A 486 -21.30 -5.15 -7.82
CA SER A 486 -20.81 -4.47 -9.01
C SER A 486 -21.63 -4.83 -10.23
N GLY A 487 -22.35 -3.86 -10.76
CA GLY A 487 -23.18 -4.05 -11.93
C GLY A 487 -24.12 -2.88 -12.06
N THR A 488 -24.93 -2.92 -13.10
CA THR A 488 -26.01 -1.96 -13.20
C THR A 488 -27.10 -2.31 -12.18
N VAL A 489 -27.77 -1.27 -11.68
CA VAL A 489 -28.83 -1.49 -10.71
C VAL A 489 -29.96 -2.28 -11.34
N ARG A 490 -30.18 -2.14 -12.64
CA ARG A 490 -31.04 -3.10 -13.34
C ARG A 490 -30.50 -4.51 -13.20
N SER A 491 -29.20 -4.70 -13.44
CA SER A 491 -28.62 -6.03 -13.27
C SER A 491 -28.80 -6.52 -11.84
N ASN A 492 -28.58 -5.65 -10.86
CA ASN A 492 -28.80 -6.03 -9.46
C ASN A 492 -30.24 -6.44 -9.23
N ILE A 493 -31.17 -5.90 -10.02
CA ILE A 493 -32.57 -6.25 -9.90
C ILE A 493 -32.91 -7.48 -10.72
N LEU A 494 -32.45 -7.53 -11.97
CA LEU A 494 -32.74 -8.69 -12.80
C LEU A 494 -32.04 -9.94 -12.28
N PHE A 495 -30.90 -9.78 -11.62
CA PHE A 495 -30.15 -10.87 -11.00
C PHE A 495 -29.75 -11.96 -11.98
N GLY A 496 -29.93 -11.73 -13.28
CA GLY A 496 -29.60 -12.72 -14.29
C GLY A 496 -30.74 -13.61 -14.73
N LYS A 497 -31.96 -13.39 -14.24
CA LYS A 497 -33.13 -13.90 -14.94
C LYS A 497 -33.31 -13.16 -16.26
N LYS A 498 -34.09 -13.75 -17.16
CA LYS A 498 -34.30 -13.15 -18.47
C LYS A 498 -34.94 -11.77 -18.29
N TYR A 499 -34.43 -10.80 -19.04
CA TYR A 499 -34.97 -9.45 -18.97
C TYR A 499 -36.29 -9.35 -19.72
N GLU A 500 -37.24 -8.66 -19.11
CA GLU A 500 -38.50 -8.28 -19.77
C GLU A 500 -38.81 -6.85 -19.37
N LYS A 501 -38.35 -5.92 -20.23
CA LYS A 501 -38.57 -4.50 -19.98
C LYS A 501 -40.02 -4.19 -19.65
N GLU A 502 -40.95 -4.78 -20.41
CA GLU A 502 -42.36 -4.44 -20.27
C GLU A 502 -42.88 -4.70 -18.85
N ARG A 503 -42.46 -5.79 -18.22
CA ARG A 503 -42.81 -6.01 -16.83
C ARG A 503 -41.82 -5.38 -15.87
N TYR A 504 -40.54 -5.35 -16.25
CA TYR A 504 -39.54 -4.67 -15.43
C TYR A 504 -39.96 -3.25 -15.14
N GLU A 505 -40.47 -2.55 -16.15
CA GLU A 505 -41.04 -1.21 -15.93
C GLU A 505 -42.13 -1.25 -14.87
N LYS A 506 -42.99 -2.27 -14.90
CA LYS A 506 -44.00 -2.40 -13.85
C LYS A 506 -43.37 -2.57 -12.48
N VAL A 507 -42.31 -3.38 -12.38
CA VAL A 507 -41.59 -3.50 -11.13
C VAL A 507 -40.99 -2.17 -10.72
N ILE A 508 -40.39 -1.45 -11.67
CA ILE A 508 -39.68 -0.22 -11.33
C ILE A 508 -40.64 0.84 -10.83
N LYS A 509 -41.84 0.91 -11.40
CA LYS A 509 -42.89 1.74 -10.81
C LYS A 509 -43.47 1.08 -9.55
N ALA A 510 -43.64 -0.24 -9.57
CA ALA A 510 -44.21 -0.91 -8.41
C ALA A 510 -43.32 -0.78 -7.20
N CYS A 511 -41.99 -0.75 -7.41
CA CYS A 511 -41.04 -0.54 -6.33
C CYS A 511 -40.67 0.94 -6.19
N ALA A 512 -41.40 1.84 -6.84
CA ALA A 512 -41.20 3.28 -6.71
C ALA A 512 -39.77 3.69 -7.00
N LEU A 513 -39.03 2.90 -7.78
CA LEU A 513 -37.67 3.28 -8.11
C LEU A 513 -37.61 4.31 -9.23
N LYS A 514 -38.65 4.37 -10.06
CA LYS A 514 -38.68 5.30 -11.18
C LYS A 514 -38.30 6.71 -10.73
N LYS A 515 -38.78 7.12 -9.56
CA LYS A 515 -38.41 8.42 -9.02
C LYS A 515 -36.90 8.56 -8.87
N ASP A 516 -36.27 7.54 -8.29
CA ASP A 516 -34.82 7.58 -8.12
C ASP A 516 -34.05 7.30 -9.41
N LEU A 517 -34.68 6.65 -10.40
CA LEU A 517 -34.10 6.61 -11.73
C LEU A 517 -33.97 8.00 -12.34
N GLN A 518 -34.65 9.00 -11.76
CA GLN A 518 -34.43 10.38 -12.18
C GLN A 518 -33.17 10.97 -11.54
N LEU A 519 -32.80 10.48 -10.35
CA LEU A 519 -31.60 10.96 -9.70
C LEU A 519 -30.36 10.26 -10.21
N LEU A 520 -30.46 8.97 -10.51
CA LEU A 520 -29.37 8.26 -11.16
C LEU A 520 -29.14 8.83 -12.55
N GLU A 521 -27.92 9.31 -12.78
CA GLU A 521 -27.65 10.08 -13.98
C GLU A 521 -27.87 9.24 -15.23
N ASP A 522 -27.25 8.06 -15.26
CA ASP A 522 -27.51 7.06 -16.29
C ASP A 522 -28.70 6.17 -15.93
N GLY A 523 -29.61 6.67 -15.10
CA GLY A 523 -30.77 5.91 -14.68
C GLY A 523 -30.42 4.57 -14.08
N ASP A 524 -31.18 3.54 -14.47
CA ASP A 524 -30.92 2.19 -14.01
C ASP A 524 -29.65 1.59 -14.61
N LEU A 525 -29.01 2.27 -15.56
CA LEU A 525 -27.72 1.86 -16.08
C LEU A 525 -26.54 2.54 -15.41
N THR A 526 -26.77 3.40 -14.41
CA THR A 526 -25.68 3.74 -13.51
C THR A 526 -25.10 2.47 -12.90
N MET A 527 -23.78 2.41 -12.85
CA MET A 527 -23.11 1.34 -12.13
C MET A 527 -23.17 1.61 -10.64
N ILE A 528 -23.25 0.53 -9.87
CA ILE A 528 -23.22 0.60 -8.41
C ILE A 528 -21.98 -0.14 -7.94
N GLY A 529 -21.37 0.37 -6.87
CA GLY A 529 -20.16 -0.22 -6.37
C GLY A 529 -20.39 -1.60 -5.79
N ASP A 530 -19.29 -2.33 -5.64
CA ASP A 530 -19.38 -3.70 -5.15
C ASP A 530 -19.91 -3.78 -3.73
N ARG A 531 -19.96 -2.66 -3.00
CA ARG A 531 -20.55 -2.62 -1.67
C ARG A 531 -21.69 -1.62 -1.55
N GLY A 532 -22.20 -1.12 -2.67
CA GLY A 532 -23.33 -0.20 -2.65
C GLY A 532 -23.02 1.16 -2.08
N THR A 533 -21.74 1.52 -1.95
CA THR A 533 -21.40 2.70 -1.16
C THR A 533 -21.88 3.99 -1.81
N THR A 534 -22.11 4.00 -3.12
CA THR A 534 -22.58 5.22 -3.76
C THR A 534 -24.07 5.43 -3.60
N LEU A 535 -24.83 4.41 -3.21
CA LEU A 535 -26.25 4.56 -2.93
C LEU A 535 -26.47 4.90 -1.46
N SER A 536 -27.59 5.55 -1.17
CA SER A 536 -28.05 5.67 0.21
C SER A 536 -28.83 4.43 0.66
N GLY A 537 -28.99 4.32 1.98
CA GLY A 537 -29.67 3.18 2.56
C GLY A 537 -31.06 2.95 1.98
N GLY A 538 -31.87 4.01 1.90
CA GLY A 538 -33.20 3.88 1.35
C GLY A 538 -33.22 3.51 -0.11
N GLN A 539 -32.17 3.84 -0.85
CA GLN A 539 -32.09 3.42 -2.24
C GLN A 539 -31.75 1.95 -2.35
N LYS A 540 -30.62 1.55 -1.77
CA LYS A 540 -30.22 0.15 -1.82
C LYS A 540 -31.26 -0.76 -1.17
N ALA A 541 -31.93 -0.26 -0.13
CA ALA A 541 -33.05 -1.01 0.43
C ALA A 541 -34.16 -1.21 -0.59
N ARG A 542 -34.57 -0.12 -1.26
CA ARG A 542 -35.58 -0.25 -2.30
C ARG A 542 -35.07 -1.12 -3.46
N VAL A 543 -33.78 -1.07 -3.76
CA VAL A 543 -33.20 -1.95 -4.78
C VAL A 543 -33.40 -3.42 -4.42
N ASN A 544 -33.25 -3.77 -3.14
CA ASN A 544 -33.43 -5.18 -2.77
C ASN A 544 -34.87 -5.63 -2.96
N LEU A 545 -35.84 -4.78 -2.64
CA LEU A 545 -37.22 -5.14 -2.93
C LEU A 545 -37.43 -5.29 -4.43
N ALA A 546 -36.87 -4.39 -5.22
CA ALA A 546 -37.03 -4.50 -6.68
C ALA A 546 -36.46 -5.81 -7.22
N ARG A 547 -35.28 -6.19 -6.78
CA ARG A 547 -34.76 -7.52 -7.10
C ARG A 547 -35.77 -8.60 -6.72
N ALA A 548 -36.19 -8.61 -5.46
CA ALA A 548 -37.05 -9.68 -4.97
C ALA A 548 -38.32 -9.82 -5.79
N VAL A 549 -38.92 -8.70 -6.18
CA VAL A 549 -40.15 -8.77 -6.97
C VAL A 549 -39.88 -9.39 -8.34
N TYR A 550 -38.84 -8.93 -9.02
CA TYR A 550 -38.59 -9.42 -10.37
C TYR A 550 -38.30 -10.92 -10.39
N GLN A 551 -37.69 -11.45 -9.33
CA GLN A 551 -37.51 -12.89 -9.28
C GLN A 551 -38.83 -13.62 -9.22
N ASP A 552 -39.92 -12.93 -8.86
CA ASP A 552 -41.27 -13.45 -8.99
C ASP A 552 -41.37 -14.83 -8.35
N ALA A 553 -40.84 -14.92 -7.14
CA ALA A 553 -40.73 -16.20 -6.46
C ALA A 553 -42.10 -16.63 -5.94
N ASP A 554 -42.11 -17.70 -5.14
CA ASP A 554 -43.33 -18.25 -4.58
C ASP A 554 -43.44 -18.01 -3.08
N ILE A 555 -42.32 -17.95 -2.37
CA ILE A 555 -42.27 -17.72 -0.94
C ILE A 555 -41.40 -16.50 -0.71
N TYR A 556 -41.97 -15.46 -0.10
CA TYR A 556 -41.25 -14.24 0.20
C TYR A 556 -40.94 -14.18 1.68
N LEU A 557 -39.65 -14.14 2.00
CA LEU A 557 -39.16 -14.03 3.36
C LEU A 557 -38.55 -12.65 3.51
N LEU A 558 -39.16 -11.81 4.33
CA LEU A 558 -38.82 -10.39 4.38
C LEU A 558 -38.36 -10.05 5.79
N ASP A 559 -37.11 -9.61 5.92
CA ASP A 559 -36.51 -9.29 7.21
C ASP A 559 -36.63 -7.78 7.46
N ASP A 560 -37.83 -7.36 7.85
CA ASP A 560 -38.12 -5.97 8.17
C ASP A 560 -37.72 -4.99 7.06
N PRO A 561 -38.05 -5.28 5.80
CA PRO A 561 -37.39 -4.57 4.70
C PRO A 561 -37.83 -3.14 4.52
N LEU A 562 -39.07 -2.81 4.91
CA LEU A 562 -39.63 -1.50 4.58
C LEU A 562 -39.24 -0.40 5.56
N SER A 563 -38.70 -0.75 6.74
CA SER A 563 -38.38 0.27 7.72
C SER A 563 -37.31 1.23 7.23
N ALA A 564 -36.63 0.92 6.14
CA ALA A 564 -35.65 1.84 5.55
C ALA A 564 -36.29 3.00 4.81
N VAL A 565 -37.60 2.96 4.54
CA VAL A 565 -38.27 4.01 3.81
C VAL A 565 -39.39 4.58 4.65
N ASP A 566 -39.74 5.84 4.35
CA ASP A 566 -40.78 6.54 5.09
C ASP A 566 -42.13 5.83 5.01
N ALA A 567 -42.95 6.06 6.04
CA ALA A 567 -44.14 5.24 6.24
C ALA A 567 -45.05 5.28 5.02
N GLU A 568 -45.22 6.46 4.41
CA GLU A 568 -46.05 6.57 3.22
C GLU A 568 -45.50 5.74 2.06
N VAL A 569 -44.18 5.82 1.83
CA VAL A 569 -43.56 4.96 0.83
C VAL A 569 -43.61 3.52 1.29
N SER A 570 -43.26 3.28 2.57
CA SER A 570 -43.32 1.94 3.13
C SER A 570 -44.70 1.32 2.95
N ARG A 571 -45.75 2.05 3.32
CA ARG A 571 -47.10 1.51 3.15
C ARG A 571 -47.51 1.46 1.68
N HIS A 572 -47.00 2.38 0.87
CA HIS A 572 -47.18 2.26 -0.58
C HIS A 572 -46.52 1.00 -1.10
N LEU A 573 -45.30 0.72 -0.67
CA LEU A 573 -44.65 -0.55 -1.00
C LEU A 573 -45.38 -1.73 -0.37
N PHE A 574 -45.79 -1.59 0.89
CA PHE A 574 -46.56 -2.64 1.56
C PHE A 574 -47.86 -2.93 0.81
N GLU A 575 -48.61 -1.89 0.48
CA GLU A 575 -49.94 -2.10 -0.11
C GLU A 575 -49.83 -2.65 -1.52
N LEU A 576 -49.03 -2.02 -2.37
CA LEU A 576 -48.93 -2.47 -3.77
C LEU A 576 -48.12 -3.76 -3.88
N CYS A 577 -46.89 -3.76 -3.36
CA CYS A 577 -46.02 -4.92 -3.53
C CYS A 577 -46.43 -6.08 -2.64
N ILE A 578 -46.48 -5.86 -1.32
CA ILE A 578 -46.66 -6.97 -0.39
C ILE A 578 -48.09 -7.48 -0.42
N CYS A 579 -49.07 -6.58 -0.28
CA CYS A 579 -50.45 -7.02 -0.16
C CYS A 579 -51.01 -7.49 -1.49
N GLN A 580 -50.95 -6.64 -2.51
CA GLN A 580 -51.55 -6.99 -3.80
C GLN A 580 -50.70 -7.98 -4.61
N ALA A 581 -49.43 -7.65 -4.86
CA ALA A 581 -48.67 -8.40 -5.85
C ALA A 581 -48.26 -9.78 -5.35
N LEU A 582 -47.79 -9.87 -4.11
CA LEU A 582 -47.46 -11.15 -3.50
C LEU A 582 -48.68 -12.01 -3.17
N HIS A 583 -49.89 -11.45 -3.17
CA HIS A 583 -51.04 -12.13 -2.61
C HIS A 583 -51.23 -13.54 -3.15
N GLU A 584 -50.82 -13.80 -4.39
CA GLU A 584 -50.90 -15.14 -4.96
C GLU A 584 -49.80 -16.06 -4.45
N LYS A 585 -49.09 -15.68 -3.39
CA LYS A 585 -47.86 -16.32 -2.99
C LYS A 585 -47.86 -16.52 -1.48
N ILE A 586 -46.90 -17.28 -0.99
CA ILE A 586 -46.65 -17.36 0.44
C ILE A 586 -45.86 -16.14 0.86
N ARG A 587 -46.21 -15.55 2.00
CA ARG A 587 -45.54 -14.35 2.50
C ARG A 587 -45.24 -14.52 3.98
N ILE A 588 -43.97 -14.40 4.34
CA ILE A 588 -43.54 -14.42 5.74
C ILE A 588 -42.77 -13.13 5.99
N LEU A 589 -43.29 -12.29 6.88
CA LEU A 589 -42.78 -10.93 7.06
C LEU A 589 -42.46 -10.73 8.53
N VAL A 590 -41.19 -10.44 8.83
CA VAL A 590 -40.87 -9.71 10.05
C VAL A 590 -41.23 -8.25 9.81
N THR A 591 -42.07 -7.69 10.67
CA THR A 591 -42.31 -6.25 10.66
C THR A 591 -42.78 -5.79 12.02
N HIS A 592 -42.49 -4.53 12.32
CA HIS A 592 -42.91 -3.86 13.53
C HIS A 592 -44.03 -2.86 13.30
N GLN A 593 -44.49 -2.73 12.05
CA GLN A 593 -45.61 -1.83 11.71
C GLN A 593 -46.91 -2.52 12.10
N LEU A 594 -47.48 -2.09 13.24
CA LEU A 594 -48.65 -2.76 13.78
C LEU A 594 -49.85 -2.66 12.85
N GLN A 595 -49.92 -1.60 12.03
CA GLN A 595 -50.94 -1.53 11.00
C GLN A 595 -50.81 -2.67 9.99
N TYR A 596 -49.59 -3.15 9.75
CA TYR A 596 -49.41 -4.34 8.92
C TYR A 596 -49.69 -5.61 9.70
N LEU A 597 -49.27 -5.65 10.97
CA LEU A 597 -49.51 -6.83 11.80
C LEU A 597 -50.99 -7.15 11.86
N LYS A 598 -51.83 -6.14 12.12
CA LYS A 598 -53.28 -6.36 12.12
C LYS A 598 -53.81 -6.67 10.73
N ALA A 599 -53.08 -6.28 9.68
CA ALA A 599 -53.45 -6.68 8.32
C ALA A 599 -52.97 -8.08 7.98
N ALA A 600 -52.01 -8.61 8.75
CA ALA A 600 -51.58 -9.98 8.55
C ALA A 600 -52.72 -10.95 8.84
N SER A 601 -52.65 -12.12 8.22
CA SER A 601 -53.65 -13.14 8.48
C SER A 601 -53.42 -13.79 9.85
N GLN A 602 -52.17 -13.97 10.23
CA GLN A 602 -51.82 -14.65 11.48
C GLN A 602 -50.45 -14.17 11.90
N ILE A 603 -50.15 -14.37 13.19
CA ILE A 603 -48.93 -13.84 13.79
C ILE A 603 -48.29 -14.91 14.66
N LEU A 604 -46.97 -15.00 14.58
CA LEU A 604 -46.17 -15.72 15.55
C LEU A 604 -45.41 -14.72 16.42
N ILE A 605 -45.47 -14.91 17.73
CA ILE A 605 -44.77 -14.07 18.70
C ILE A 605 -43.66 -14.90 19.33
N LEU A 606 -42.45 -14.36 19.33
CA LEU A 606 -41.27 -15.08 19.78
C LEU A 606 -40.66 -14.37 20.99
N LYS A 607 -40.11 -15.16 21.91
CA LYS A 607 -39.26 -14.62 22.97
C LYS A 607 -38.26 -15.67 23.38
N ASP A 608 -37.02 -15.24 23.64
CA ASP A 608 -35.93 -16.15 24.00
C ASP A 608 -35.84 -17.33 23.05
N GLY A 609 -36.19 -17.12 21.79
CA GLY A 609 -36.31 -18.20 20.83
C GLY A 609 -37.49 -19.11 21.03
N GLN A 610 -38.19 -19.05 22.16
CA GLN A 610 -39.37 -19.87 22.37
C GLN A 610 -40.60 -19.16 21.83
N MET A 611 -41.65 -19.95 21.58
CA MET A 611 -42.93 -19.37 21.20
C MET A 611 -43.56 -18.68 22.40
N VAL A 612 -43.88 -17.40 22.24
CA VAL A 612 -44.77 -16.74 23.19
C VAL A 612 -46.22 -17.07 22.87
N GLN A 613 -46.59 -16.94 21.60
CA GLN A 613 -47.88 -17.38 21.10
C GLN A 613 -47.72 -17.75 19.64
N LYS A 614 -48.55 -18.70 19.19
CA LYS A 614 -48.95 -18.77 17.79
C LYS A 614 -50.30 -18.07 17.67
N GLY A 615 -50.26 -16.80 17.31
CA GLY A 615 -51.46 -15.99 17.18
C GLY A 615 -52.15 -16.19 15.84
N LYS A 695 9.16 10.02 -17.84
CA LYS A 695 10.48 9.72 -17.29
C LYS A 695 11.09 10.97 -16.69
N VAL A 696 11.94 10.78 -15.67
CA VAL A 696 12.59 11.91 -15.01
C VAL A 696 13.81 12.36 -15.80
N GLY A 697 14.05 13.66 -15.78
CA GLY A 697 15.26 14.21 -16.37
C GLY A 697 16.50 14.06 -15.50
N PHE A 698 17.64 14.25 -16.17
CA PHE A 698 18.95 14.11 -15.55
C PHE A 698 19.07 14.95 -14.27
N LYS A 699 18.46 16.13 -14.24
CA LYS A 699 18.50 16.97 -13.04
C LYS A 699 18.09 16.22 -11.77
N ALA A 700 17.04 15.39 -11.85
CA ALA A 700 16.67 14.59 -10.71
C ALA A 700 17.79 13.64 -10.27
N TYR A 701 18.43 12.95 -11.22
CA TYR A 701 19.60 12.14 -10.89
C TYR A 701 20.72 12.96 -10.27
N LYS A 702 21.16 14.03 -10.93
CA LYS A 702 22.18 14.89 -10.36
C LYS A 702 21.87 15.32 -8.93
N ASN A 703 20.65 15.82 -8.69
CA ASN A 703 20.25 16.17 -7.32
C ASN A 703 20.34 15.01 -6.35
N TYR A 704 19.86 13.84 -6.74
CA TYR A 704 19.82 12.73 -5.79
C TYR A 704 21.20 12.31 -5.31
N PHE A 705 22.21 12.31 -6.18
CA PHE A 705 23.57 12.05 -5.71
C PHE A 705 24.22 13.25 -5.03
N THR A 706 24.23 14.40 -5.70
CA THR A 706 24.81 15.63 -5.13
C THR A 706 24.18 16.02 -3.79
N ALA A 707 22.89 15.79 -3.60
CA ALA A 707 22.28 16.07 -2.31
C ALA A 707 22.90 15.26 -1.19
N GLY A 708 23.49 14.12 -1.50
CA GLY A 708 24.03 13.24 -0.47
C GLY A 708 25.35 13.65 0.12
N ALA A 709 26.29 14.11 -0.71
CA ALA A 709 27.62 14.42 -0.23
C ALA A 709 28.28 15.41 -1.20
N HIS A 710 29.34 16.06 -0.73
CA HIS A 710 30.09 16.95 -1.60
C HIS A 710 30.61 16.17 -2.81
N TRP A 711 30.78 16.88 -3.92
CA TRP A 711 31.22 16.25 -5.15
C TRP A 711 32.56 15.56 -5.03
N PHE A 712 33.38 15.89 -4.04
CA PHE A 712 34.58 15.09 -3.79
C PHE A 712 34.24 13.63 -3.51
N ILE A 713 33.27 13.36 -2.64
CA ILE A 713 32.90 11.98 -2.37
C ILE A 713 32.29 11.31 -3.60
N ILE A 714 31.47 12.05 -4.35
CA ILE A 714 30.85 11.48 -5.54
C ILE A 714 31.88 11.18 -6.60
N ILE A 715 32.82 12.10 -6.85
CA ILE A 715 33.94 11.75 -7.71
C ILE A 715 34.68 10.55 -7.13
N PHE A 716 34.90 10.53 -5.83
CA PHE A 716 35.52 9.37 -5.22
C PHE A 716 34.65 8.13 -5.36
N LEU A 717 33.33 8.28 -5.32
CA LEU A 717 32.43 7.15 -5.55
C LEU A 717 32.62 6.54 -6.93
N ILE A 718 32.68 7.38 -7.97
CA ILE A 718 32.99 6.90 -9.31
C ILE A 718 34.31 6.14 -9.35
N LEU A 719 35.38 6.73 -8.82
CA LEU A 719 36.66 6.04 -8.84
C LEU A 719 36.63 4.71 -8.09
N VAL A 720 36.00 4.66 -6.93
CA VAL A 720 35.87 3.37 -6.24
C VAL A 720 35.12 2.35 -7.08
N ASN A 721 34.03 2.76 -7.71
CA ASN A 721 33.32 1.87 -8.64
C ASN A 721 34.22 1.33 -9.74
N LEU A 722 34.86 2.21 -10.51
CA LEU A 722 35.79 1.76 -11.54
C LEU A 722 36.91 0.92 -10.97
N ALA A 723 37.50 1.34 -9.84
CA ALA A 723 38.57 0.55 -9.24
C ALA A 723 38.09 -0.85 -8.85
N ALA A 724 36.85 -0.97 -8.40
CA ALA A 724 36.28 -2.29 -8.13
C ALA A 724 36.27 -3.16 -9.38
N GLN A 725 35.69 -2.65 -10.47
CA GLN A 725 35.61 -3.40 -11.72
C GLN A 725 36.97 -3.64 -12.36
N VAL A 726 37.83 -2.63 -12.44
CA VAL A 726 39.12 -2.83 -13.07
C VAL A 726 39.97 -3.82 -12.28
N SER A 727 39.99 -3.74 -10.96
CA SER A 727 40.70 -4.75 -10.19
C SER A 727 40.06 -6.12 -10.35
N TYR A 728 38.74 -6.16 -10.46
CA TYR A 728 38.05 -7.42 -10.79
C TYR A 728 38.58 -8.03 -12.08
N ILE A 729 38.56 -7.26 -13.17
CA ILE A 729 39.03 -7.79 -14.45
C ILE A 729 40.53 -8.08 -14.40
N LEU A 730 41.31 -7.21 -13.77
CA LEU A 730 42.75 -7.42 -13.73
C LEU A 730 43.12 -8.69 -12.99
N GLN A 731 42.34 -9.13 -12.01
CA GLN A 731 42.63 -10.43 -11.42
C GLN A 731 42.59 -11.54 -12.45
N ASP A 732 41.58 -11.52 -13.32
CA ASP A 732 41.47 -12.56 -14.34
C ASP A 732 42.49 -12.36 -15.46
N TRP A 733 42.78 -11.11 -15.82
CA TRP A 733 43.88 -10.87 -16.74
C TRP A 733 45.19 -11.40 -16.20
N TRP A 734 45.40 -11.34 -14.89
CA TRP A 734 46.65 -11.83 -14.33
C TRP A 734 46.82 -13.33 -14.55
N LEU A 735 45.75 -14.10 -14.42
CA LEU A 735 45.85 -15.51 -14.78
C LEU A 735 46.15 -15.69 -16.26
N SER A 736 45.57 -14.83 -17.11
CA SER A 736 45.93 -14.88 -18.53
C SER A 736 47.39 -14.50 -18.73
N TYR A 737 47.87 -13.48 -18.03
CA TYR A 737 49.28 -13.11 -18.11
C TYR A 737 50.15 -14.19 -17.52
N TRP A 738 49.77 -14.70 -16.36
CA TRP A 738 50.53 -15.78 -15.73
C TRP A 738 50.61 -17.00 -16.63
N ALA A 739 49.49 -17.34 -17.28
CA ALA A 739 49.49 -18.44 -18.25
C ALA A 739 50.47 -18.20 -19.39
N ASN A 740 50.41 -17.02 -20.01
CA ASN A 740 51.28 -16.73 -21.14
C ASN A 740 52.75 -16.74 -20.74
N GLN A 741 53.08 -16.23 -19.56
CA GLN A 741 54.46 -16.28 -19.11
C GLN A 741 54.91 -17.71 -18.87
N GLN A 742 54.03 -18.54 -18.30
CA GLN A 742 54.34 -19.96 -18.16
C GLN A 742 54.52 -20.63 -19.52
N SER A 743 53.65 -20.32 -20.47
CA SER A 743 53.79 -20.90 -21.81
C SER A 743 55.10 -20.51 -22.48
N ALA A 744 55.67 -19.36 -22.13
CA ALA A 744 56.93 -18.95 -22.75
C ALA A 744 58.11 -19.80 -22.30
N LEU A 745 57.99 -20.55 -21.21
CA LEU A 745 59.06 -21.43 -20.79
C LEU A 745 59.27 -22.55 -21.81
N THR A 756 64.33 -27.80 -13.74
CA THR A 756 64.12 -26.86 -14.84
C THR A 756 64.03 -25.43 -14.33
N GLU A 757 64.02 -24.49 -15.27
CA GLU A 757 63.50 -23.16 -15.00
C GLU A 757 62.03 -23.23 -14.56
N LYS A 758 61.63 -22.21 -13.80
CA LYS A 758 60.26 -22.11 -13.28
C LYS A 758 59.96 -20.66 -12.95
N LEU A 759 58.67 -20.36 -12.84
CA LEU A 759 58.23 -19.04 -12.41
C LEU A 759 58.40 -18.85 -10.90
N ASP A 760 58.70 -17.61 -10.52
CA ASP A 760 58.85 -17.20 -9.12
C ASP A 760 57.48 -16.91 -8.52
N LEU A 761 56.92 -17.88 -7.79
CA LEU A 761 55.60 -17.69 -7.20
C LEU A 761 55.53 -16.45 -6.33
N ASN A 762 56.63 -16.04 -5.70
CA ASN A 762 56.56 -14.91 -4.80
C ASN A 762 56.16 -13.64 -5.54
N TRP A 763 56.49 -13.56 -6.83
CA TRP A 763 56.03 -12.44 -7.65
C TRP A 763 54.59 -12.66 -8.12
N TYR A 764 54.36 -13.76 -8.83
CA TYR A 764 53.07 -13.96 -9.48
C TYR A 764 51.95 -14.17 -8.47
N LEU A 765 52.17 -15.05 -7.50
CA LEU A 765 51.13 -15.33 -6.52
C LEU A 765 50.98 -14.21 -5.51
N GLY A 766 52.04 -13.45 -5.24
CA GLY A 766 51.90 -12.27 -4.41
C GLY A 766 51.01 -11.22 -5.04
N ILE A 767 51.30 -10.83 -6.27
CA ILE A 767 50.49 -9.85 -6.97
C ILE A 767 49.07 -10.34 -7.14
N TYR A 768 48.90 -11.63 -7.44
CA TYR A 768 47.56 -12.20 -7.53
C TYR A 768 46.78 -12.01 -6.24
N SER A 769 47.41 -12.22 -5.09
CA SER A 769 46.73 -11.96 -3.83
C SER A 769 46.41 -10.49 -3.65
N GLY A 770 47.25 -9.61 -4.19
CA GLY A 770 46.94 -8.18 -4.14
C GLY A 770 45.74 -7.81 -4.99
N LEU A 771 45.64 -8.39 -6.17
CA LEU A 771 44.52 -8.09 -7.05
C LEU A 771 43.20 -8.63 -6.50
N THR A 772 43.22 -9.80 -5.86
CA THR A 772 42.02 -10.26 -5.16
C THR A 772 41.67 -9.34 -4.00
N ALA A 773 42.65 -9.00 -3.17
CA ALA A 773 42.38 -8.15 -2.01
C ALA A 773 41.79 -6.81 -2.44
N SER A 774 42.39 -6.16 -3.44
CA SER A 774 41.86 -4.90 -3.92
C SER A 774 40.45 -5.05 -4.47
N THR A 775 40.17 -6.16 -5.14
CA THR A 775 38.79 -6.43 -5.56
C THR A 775 37.87 -6.52 -4.36
N VAL A 776 38.28 -7.27 -3.34
CA VAL A 776 37.47 -7.41 -2.13
C VAL A 776 37.30 -6.06 -1.44
N LEU A 777 38.40 -5.32 -1.25
CA LEU A 777 38.30 -4.02 -0.57
C LEU A 777 37.38 -3.07 -1.30
N PHE A 778 37.66 -2.78 -2.57
CA PHE A 778 36.82 -1.86 -3.34
C PHE A 778 35.40 -2.37 -3.56
N GLY A 779 35.22 -3.69 -3.63
CA GLY A 779 33.87 -4.21 -3.65
C GLY A 779 33.07 -3.92 -2.40
N ILE A 780 33.67 -4.12 -1.23
CA ILE A 780 33.04 -3.72 0.02
C ILE A 780 32.87 -2.22 0.13
N VAL A 781 33.95 -1.46 0.00
CA VAL A 781 33.87 0.00 0.08
C VAL A 781 32.85 0.59 -0.89
N ARG A 782 32.87 0.17 -2.16
CA ARG A 782 31.80 0.57 -3.05
C ARG A 782 30.43 0.35 -2.43
N SER A 783 30.14 -0.88 -2.02
CA SER A 783 28.82 -1.20 -1.48
C SER A 783 28.45 -0.28 -0.33
N LEU A 784 29.27 -0.22 0.71
CA LEU A 784 29.02 0.70 1.81
C LEU A 784 28.89 2.14 1.33
N LEU A 785 29.80 2.58 0.47
CA LEU A 785 29.83 3.99 0.09
C LEU A 785 28.62 4.40 -0.74
N VAL A 786 28.13 3.53 -1.62
CA VAL A 786 26.90 3.83 -2.34
C VAL A 786 25.74 3.98 -1.37
N PHE A 787 25.59 3.03 -0.45
CA PHE A 787 24.53 3.13 0.53
C PHE A 787 24.65 4.39 1.38
N PHE A 788 25.87 4.72 1.80
CA PHE A 788 26.13 5.98 2.48
C PHE A 788 25.64 7.20 1.71
N VAL A 789 26.11 7.36 0.48
CA VAL A 789 25.75 8.54 -0.32
C VAL A 789 24.25 8.61 -0.57
N LEU A 790 23.65 7.52 -1.00
CA LEU A 790 22.23 7.58 -1.34
C LEU A 790 21.33 7.59 -0.10
N VAL A 791 21.67 6.85 0.95
CA VAL A 791 20.91 6.99 2.20
C VAL A 791 21.18 8.33 2.87
N SER A 792 22.43 8.81 2.84
CA SER A 792 22.70 10.17 3.28
C SER A 792 21.88 11.19 2.52
N SER A 793 21.68 10.97 1.22
CA SER A 793 20.84 11.86 0.43
C SER A 793 19.38 11.79 0.82
N SER A 794 18.86 10.58 1.02
CA SER A 794 17.48 10.44 1.47
C SER A 794 17.23 11.08 2.82
N GLN A 795 18.23 11.18 3.69
CA GLN A 795 18.13 12.05 4.85
C GLN A 795 17.97 13.52 4.43
N THR A 796 18.93 14.03 3.68
CA THR A 796 18.92 15.45 3.30
C THR A 796 17.67 15.84 2.55
N LEU A 797 17.23 15.01 1.61
CA LEU A 797 16.02 15.36 0.86
C LEU A 797 14.77 15.29 1.75
N HIS A 798 14.69 14.34 2.67
CA HIS A 798 13.59 14.37 3.63
C HIS A 798 13.56 15.67 4.43
N ASN A 799 14.71 16.13 4.92
CA ASN A 799 14.75 17.34 5.73
C ASN A 799 14.41 18.59 4.93
N GLN A 800 14.98 18.74 3.74
CA GLN A 800 14.53 19.81 2.85
C GLN A 800 13.03 19.72 2.58
N MET A 801 12.51 18.52 2.37
CA MET A 801 11.07 18.40 2.13
C MET A 801 10.26 18.73 3.38
N PHE A 802 10.69 18.27 4.54
CA PHE A 802 9.96 18.56 5.78
C PHE A 802 9.94 20.05 6.10
N GLU A 803 11.09 20.71 6.09
CA GLU A 803 11.10 22.16 6.22
C GLU A 803 10.22 22.86 5.20
N SER A 804 10.29 22.43 3.95
CA SER A 804 9.37 22.96 2.94
C SER A 804 7.90 22.84 3.38
N ILE A 805 7.47 21.64 3.76
CA ILE A 805 6.09 21.44 4.19
C ILE A 805 5.72 22.34 5.36
N LEU A 806 6.54 22.39 6.40
CA LEU A 806 6.28 23.36 7.46
C LEU A 806 6.17 24.78 6.95
N ARG A 807 7.16 25.24 6.20
CA ARG A 807 7.09 26.57 5.61
C ARG A 807 6.02 26.71 4.53
N ALA A 808 5.45 25.61 4.04
CA ALA A 808 4.42 25.71 3.00
C ALA A 808 3.19 26.42 3.54
N PRO A 809 2.63 27.38 2.81
CA PRO A 809 1.40 28.03 3.26
C PRO A 809 0.22 27.08 3.31
N VAL A 810 -0.76 27.44 4.14
CA VAL A 810 -1.95 26.61 4.36
C VAL A 810 -2.67 26.30 3.06
N LEU A 811 -2.60 27.21 2.09
CA LEU A 811 -3.13 26.92 0.76
C LEU A 811 -2.66 25.58 0.23
N PHE A 812 -1.39 25.24 0.47
CA PHE A 812 -0.86 23.95 0.05
C PHE A 812 -1.60 22.77 0.67
N PHE A 813 -1.83 22.81 1.97
CA PHE A 813 -2.55 21.72 2.61
C PHE A 813 -4.03 21.65 2.25
N ASP A 814 -4.64 22.76 1.82
CA ASP A 814 -5.98 22.69 1.26
C ASP A 814 -5.98 22.04 -0.12
N ARG A 815 -5.18 22.57 -1.04
CA ARG A 815 -5.18 22.07 -2.41
C ARG A 815 -4.71 20.63 -2.52
N ASN A 816 -3.92 20.14 -1.57
CA ASN A 816 -3.48 18.75 -1.57
C ASN A 816 -4.02 18.05 -0.32
N PRO A 817 -4.87 17.04 -0.46
CA PRO A 817 -5.42 16.38 0.73
C PRO A 817 -4.35 15.64 1.53
N ILE A 818 -4.62 15.53 2.83
CA ILE A 818 -3.70 14.96 3.80
C ILE A 818 -3.01 13.69 3.33
N GLY A 819 -3.80 12.72 2.89
CA GLY A 819 -3.20 11.46 2.45
C GLY A 819 -2.22 11.59 1.31
N ARG A 820 -2.51 12.46 0.35
CA ARG A 820 -1.56 12.64 -0.75
C ARG A 820 -0.23 13.26 -0.30
N ILE A 821 -0.24 14.19 0.65
CA ILE A 821 1.00 14.68 1.24
C ILE A 821 1.73 13.57 1.98
N LEU A 822 1.05 12.93 2.93
CA LEU A 822 1.69 11.91 3.74
C LEU A 822 2.19 10.75 2.90
N ASN A 823 1.59 10.51 1.74
CA ASN A 823 2.09 9.48 0.84
C ASN A 823 3.54 9.75 0.43
N ARG A 824 3.94 11.01 0.29
CA ARG A 824 5.33 11.32 0.01
C ARG A 824 6.25 10.83 1.11
N PHE A 825 5.92 11.14 2.37
CA PHE A 825 6.76 10.80 3.51
C PHE A 825 6.76 9.32 3.84
N SER A 826 5.87 8.53 3.25
CA SER A 826 5.70 7.13 3.59
C SER A 826 6.15 6.25 2.43
N LYS A 827 5.45 6.30 1.31
CA LYS A 827 5.83 5.47 0.16
C LYS A 827 7.10 6.01 -0.52
N ASP A 828 7.13 7.31 -0.85
CA ASP A 828 8.24 7.82 -1.64
C ASP A 828 9.55 7.90 -0.84
N ILE A 829 9.50 8.39 0.39
CA ILE A 829 10.68 8.31 1.25
C ILE A 829 11.00 6.86 1.58
N GLY A 830 9.99 6.02 1.73
CA GLY A 830 10.25 4.61 1.97
C GLY A 830 11.01 3.95 0.84
N HIS A 831 10.62 4.22 -0.41
CA HIS A 831 11.40 3.75 -1.54
C HIS A 831 12.81 4.31 -1.53
N MET A 832 12.95 5.62 -1.27
CA MET A 832 14.26 6.24 -1.29
C MET A 832 15.20 5.62 -0.26
N ASP A 833 14.69 5.33 0.95
CA ASP A 833 15.53 4.70 1.96
C ASP A 833 15.79 3.22 1.67
N ASP A 834 14.73 2.41 1.61
CA ASP A 834 14.95 0.97 1.56
C ASP A 834 15.26 0.45 0.15
N LEU A 835 14.32 0.64 -0.77
CA LEU A 835 14.38 -0.05 -2.06
C LEU A 835 15.37 0.56 -3.05
N LEU A 836 15.41 1.88 -3.15
CA LEU A 836 16.13 2.54 -4.24
C LEU A 836 17.64 2.42 -4.15
N PRO A 837 18.25 2.50 -2.98
CA PRO A 837 19.72 2.36 -2.94
C PRO A 837 20.19 0.96 -3.23
N LEU A 838 19.45 -0.07 -2.84
CA LEU A 838 19.78 -1.43 -3.26
C LEU A 838 19.70 -1.57 -4.78
N THR A 839 18.64 -1.04 -5.38
CA THR A 839 18.47 -1.14 -6.83
C THR A 839 19.58 -0.42 -7.58
N TYR A 840 19.98 0.76 -7.11
CA TYR A 840 21.12 1.44 -7.73
C TYR A 840 22.39 0.61 -7.59
N LEU A 841 22.64 0.09 -6.41
CA LEU A 841 23.86 -0.69 -6.21
C LEU A 841 23.88 -1.94 -7.08
N ASP A 842 22.77 -2.66 -7.13
CA ASP A 842 22.68 -3.85 -7.97
C ASP A 842 22.79 -3.54 -9.46
N PHE A 843 22.21 -2.42 -9.91
CA PHE A 843 22.42 -2.00 -11.29
C PHE A 843 23.89 -1.70 -11.59
N ILE A 844 24.50 -0.82 -10.80
CA ILE A 844 25.88 -0.42 -11.11
C ILE A 844 26.82 -1.60 -11.03
N GLN A 845 26.63 -2.45 -10.03
CA GLN A 845 27.39 -3.70 -9.95
C GLN A 845 27.32 -4.53 -11.22
N THR A 846 26.12 -4.86 -11.70
CA THR A 846 25.97 -5.62 -12.94
C THR A 846 26.42 -4.85 -14.16
N PHE A 847 25.99 -3.61 -14.31
CA PHE A 847 26.36 -2.81 -15.48
C PHE A 847 27.85 -2.76 -15.74
N LEU A 848 28.65 -2.45 -14.72
CA LEU A 848 30.09 -2.46 -14.91
C LEU A 848 30.62 -3.80 -15.37
N GLN A 849 30.05 -4.91 -14.91
CA GLN A 849 30.42 -6.21 -15.48
C GLN A 849 30.02 -6.34 -16.94
N VAL A 850 28.83 -5.87 -17.32
CA VAL A 850 28.47 -5.84 -18.74
C VAL A 850 29.49 -5.03 -19.54
N ILE A 851 29.75 -3.79 -19.13
CA ILE A 851 30.84 -3.02 -19.72
C ILE A 851 32.17 -3.75 -19.55
N GLY A 852 32.35 -4.44 -18.43
CA GLY A 852 33.53 -5.27 -18.26
C GLY A 852 33.68 -6.37 -19.31
N VAL A 853 32.61 -7.11 -19.57
CA VAL A 853 32.66 -8.16 -20.58
C VAL A 853 32.96 -7.60 -21.97
N VAL A 854 32.21 -6.58 -22.38
CA VAL A 854 32.47 -5.96 -23.68
C VAL A 854 33.89 -5.39 -23.75
N GLY A 855 34.30 -4.71 -22.69
CA GLY A 855 35.61 -4.07 -22.72
C GLY A 855 36.77 -5.05 -22.85
N VAL A 856 36.71 -6.17 -22.16
CA VAL A 856 37.72 -7.22 -22.33
C VAL A 856 37.72 -7.74 -23.76
N ALA A 857 36.55 -8.03 -24.31
CA ALA A 857 36.48 -8.54 -25.69
C ALA A 857 37.01 -7.54 -26.70
N VAL A 858 36.71 -6.26 -26.52
CA VAL A 858 37.30 -5.24 -27.38
C VAL A 858 38.78 -5.03 -27.09
N ALA A 859 39.19 -5.21 -25.84
CA ALA A 859 40.62 -5.07 -25.52
C ALA A 859 41.45 -6.15 -26.20
N VAL A 860 40.95 -7.38 -26.23
CA VAL A 860 41.72 -8.49 -26.81
C VAL A 860 41.58 -8.55 -28.33
N ILE A 861 40.37 -8.36 -28.84
CA ILE A 861 40.14 -8.42 -30.29
C ILE A 861 39.56 -7.09 -30.74
N PRO A 862 40.38 -6.07 -30.93
CA PRO A 862 39.83 -4.70 -31.09
C PRO A 862 38.95 -4.49 -32.29
N TRP A 863 39.08 -5.29 -33.36
CA TRP A 863 38.14 -5.17 -34.46
C TRP A 863 36.71 -5.50 -34.04
N ILE A 864 36.50 -6.17 -32.91
CA ILE A 864 35.14 -6.41 -32.44
C ILE A 864 34.41 -5.10 -32.18
N ALA A 865 35.13 -3.99 -32.06
CA ALA A 865 34.49 -2.68 -32.00
C ALA A 865 33.56 -2.43 -33.18
N ILE A 866 33.90 -2.93 -34.36
CA ILE A 866 33.06 -2.73 -35.55
C ILE A 866 31.76 -3.53 -35.48
N PRO A 867 31.78 -4.84 -35.27
CA PRO A 867 30.51 -5.56 -35.02
C PRO A 867 29.70 -5.03 -33.85
N LEU A 868 30.33 -4.40 -32.86
CA LEU A 868 29.57 -3.93 -31.70
C LEU A 868 28.71 -2.71 -32.02
N VAL A 869 29.22 -1.74 -32.79
CA VAL A 869 28.48 -0.49 -32.95
C VAL A 869 27.12 -0.68 -33.62
N PRO A 870 26.93 -1.62 -34.56
CA PRO A 870 25.54 -1.92 -34.95
C PRO A 870 24.75 -2.55 -33.82
N LEU A 871 25.35 -3.51 -33.12
CA LEU A 871 24.66 -4.21 -32.04
C LEU A 871 24.24 -3.25 -30.94
N GLY A 872 25.04 -2.24 -30.65
CA GLY A 872 24.63 -1.26 -29.67
C GLY A 872 23.48 -0.40 -30.15
N ILE A 873 23.50 0.00 -31.42
CA ILE A 873 22.38 0.75 -31.98
C ILE A 873 21.12 -0.10 -32.03
N VAL A 874 21.25 -1.38 -32.41
CA VAL A 874 20.11 -2.28 -32.34
C VAL A 874 19.56 -2.36 -30.91
N PHE A 875 20.43 -2.64 -29.95
CA PHE A 875 20.00 -2.68 -28.55
C PHE A 875 19.28 -1.40 -28.13
N PHE A 876 19.90 -0.25 -28.37
CA PHE A 876 19.31 1.01 -27.93
C PHE A 876 17.94 1.25 -28.56
N VAL A 877 17.82 1.06 -29.87
CA VAL A 877 16.52 1.25 -30.51
C VAL A 877 15.51 0.27 -29.95
N LEU A 878 15.92 -1.00 -29.83
CA LEU A 878 15.01 -2.03 -29.34
C LEU A 878 14.50 -1.72 -27.93
N ARG A 879 15.40 -1.33 -27.03
CA ARG A 879 14.98 -0.95 -25.69
C ARG A 879 13.91 0.13 -25.68
N ARG A 880 14.15 1.23 -26.39
CA ARG A 880 13.18 2.31 -26.41
C ARG A 880 11.81 1.85 -26.89
N TYR A 881 11.78 1.12 -28.00
CA TYR A 881 10.50 0.67 -28.54
C TYR A 881 9.75 -0.23 -27.58
N PHE A 882 10.46 -1.14 -26.89
CA PHE A 882 9.78 -1.98 -25.90
C PHE A 882 9.29 -1.20 -24.70
N LEU A 883 10.11 -0.32 -24.14
CA LEU A 883 9.68 0.51 -23.01
C LEU A 883 8.50 1.41 -23.36
N GLU A 884 8.41 1.88 -24.60
CA GLU A 884 7.24 2.65 -25.00
C GLU A 884 5.98 1.79 -24.99
N THR A 885 6.04 0.60 -25.56
CA THR A 885 4.83 -0.20 -25.72
C THR A 885 4.55 -1.11 -24.53
N SER A 886 5.57 -1.48 -23.75
CA SER A 886 5.36 -2.42 -22.66
C SER A 886 4.63 -1.77 -21.48
N ARG A 887 4.94 -0.51 -21.19
CA ARG A 887 4.40 0.10 -19.98
C ARG A 887 2.88 0.09 -19.97
N ASP A 888 2.26 0.25 -21.13
CA ASP A 888 0.80 0.22 -21.21
C ASP A 888 0.22 -1.15 -20.84
N VAL A 889 0.75 -2.22 -21.41
CA VAL A 889 0.23 -3.55 -21.10
C VAL A 889 0.55 -3.96 -19.66
N LYS A 890 1.65 -3.48 -19.11
CA LYS A 890 1.96 -3.73 -17.71
C LYS A 890 0.87 -3.18 -16.78
N ARG A 891 0.49 -1.92 -16.99
CA ARG A 891 -0.63 -1.34 -16.23
C ARG A 891 -1.93 -2.12 -16.45
N LEU A 892 -2.21 -2.53 -17.67
CA LEU A 892 -3.45 -3.26 -17.94
C LEU A 892 -3.56 -4.51 -17.08
N GLU A 893 -2.47 -5.27 -16.97
CA GLU A 893 -2.47 -6.42 -16.07
C GLU A 893 -2.73 -5.99 -14.63
N SER A 894 -2.16 -4.87 -14.20
CA SER A 894 -2.34 -4.39 -12.84
C SER A 894 -3.78 -3.99 -12.52
N THR A 895 -4.55 -3.52 -13.50
CA THR A 895 -5.93 -3.14 -13.22
C THR A 895 -6.91 -4.30 -13.34
N THR A 896 -6.73 -5.20 -14.31
CA THR A 896 -7.70 -6.27 -14.47
C THR A 896 -7.63 -7.29 -13.34
N ARG A 897 -6.61 -7.23 -12.48
CA ARG A 897 -6.55 -8.18 -11.37
C ARG A 897 -7.59 -7.89 -10.30
N SER A 898 -7.80 -6.61 -9.96
CA SER A 898 -8.60 -6.31 -8.78
C SER A 898 -10.05 -6.73 -8.88
N PRO A 899 -10.68 -6.80 -10.05
CA PRO A 899 -12.07 -7.30 -10.09
C PRO A 899 -12.24 -8.70 -9.56
N VAL A 900 -11.23 -9.55 -9.65
CA VAL A 900 -11.32 -10.88 -9.07
C VAL A 900 -11.59 -10.79 -7.57
N PHE A 901 -10.79 -10.00 -6.85
CA PHE A 901 -10.90 -9.95 -5.40
C PHE A 901 -12.15 -9.21 -4.94
N SER A 902 -12.54 -8.16 -5.66
CA SER A 902 -13.75 -7.44 -5.30
C SER A 902 -14.99 -8.30 -5.48
N HIS A 903 -15.01 -9.18 -6.46
CA HIS A 903 -16.14 -10.10 -6.60
C HIS A 903 -16.23 -11.07 -5.43
N LEU A 904 -15.11 -11.70 -5.06
CA LEU A 904 -15.11 -12.56 -3.88
C LEU A 904 -15.58 -11.79 -2.64
N SER A 905 -15.06 -10.58 -2.45
CA SER A 905 -15.47 -9.77 -1.32
C SER A 905 -16.97 -9.48 -1.34
N SER A 906 -17.48 -9.01 -2.48
CA SER A 906 -18.90 -8.73 -2.61
C SER A 906 -19.76 -9.98 -2.37
N SER A 907 -19.40 -11.10 -3.00
CA SER A 907 -20.19 -12.32 -2.89
C SER A 907 -20.23 -12.86 -1.46
N LEU A 908 -19.10 -12.82 -0.74
CA LEU A 908 -19.12 -13.22 0.67
C LEU A 908 -20.08 -12.38 1.49
N GLN A 909 -20.12 -11.07 1.27
CA GLN A 909 -21.08 -10.24 1.99
C GLN A 909 -22.51 -10.63 1.68
N GLY A 910 -22.79 -10.98 0.43
CA GLY A 910 -24.09 -11.43 -0.04
C GLY A 910 -24.39 -12.89 0.14
N LEU A 911 -23.57 -13.61 0.92
CA LEU A 911 -23.54 -15.06 0.82
C LEU A 911 -24.91 -15.71 1.02
N TRP A 912 -25.75 -15.17 1.90
CA TRP A 912 -27.09 -15.74 2.06
C TRP A 912 -27.98 -15.47 0.85
N THR A 913 -27.99 -14.23 0.36
CA THR A 913 -28.94 -13.91 -0.70
C THR A 913 -28.59 -14.59 -2.02
N ILE A 914 -27.31 -14.64 -2.39
CA ILE A 914 -26.97 -15.31 -3.65
C ILE A 914 -27.31 -16.79 -3.57
N ARG A 915 -27.12 -17.39 -2.40
CA ARG A 915 -27.42 -18.81 -2.25
C ARG A 915 -28.91 -19.03 -2.02
N ALA A 916 -29.60 -18.07 -1.40
CA ALA A 916 -31.04 -18.17 -1.26
C ALA A 916 -31.73 -18.20 -2.63
N TYR A 917 -31.31 -17.32 -3.53
CA TYR A 917 -31.85 -17.24 -4.88
C TYR A 917 -31.35 -18.35 -5.80
N LYS A 918 -30.71 -19.38 -5.26
CA LYS A 918 -30.19 -20.49 -6.06
C LYS A 918 -29.30 -19.96 -7.19
N ALA A 919 -28.56 -18.90 -6.90
CA ALA A 919 -27.77 -18.19 -7.88
C ALA A 919 -26.30 -18.56 -7.81
N GLU A 920 -25.95 -19.60 -7.06
CA GLU A 920 -24.54 -19.86 -6.80
C GLU A 920 -23.74 -20.00 -8.09
N GLN A 921 -24.23 -20.82 -9.02
CA GLN A 921 -23.49 -21.10 -10.24
C GLN A 921 -23.47 -19.91 -11.20
N ARG A 922 -24.48 -19.04 -11.17
CA ARG A 922 -24.38 -17.82 -11.98
C ARG A 922 -23.28 -16.90 -11.48
N PHE A 923 -23.13 -16.77 -10.17
CA PHE A 923 -21.99 -16.02 -9.64
C PHE A 923 -20.65 -16.68 -9.92
N GLN A 924 -20.58 -18.00 -9.99
CA GLN A 924 -19.35 -18.63 -10.44
C GLN A 924 -19.03 -18.24 -11.87
N GLU A 925 -20.04 -18.20 -12.74
CA GLU A 925 -19.79 -17.75 -14.11
C GLU A 925 -19.27 -16.32 -14.13
N LEU A 926 -19.83 -15.44 -13.30
CA LEU A 926 -19.36 -14.07 -13.25
C LEU A 926 -17.93 -13.97 -12.74
N PHE A 927 -17.54 -14.83 -11.81
CA PHE A 927 -16.17 -14.84 -11.33
C PHE A 927 -15.22 -15.35 -12.40
N ASP A 928 -15.58 -16.43 -13.10
CA ASP A 928 -14.79 -16.87 -14.25
C ASP A 928 -14.64 -15.75 -15.27
N SER A 929 -15.69 -14.96 -15.48
CA SER A 929 -15.56 -13.84 -16.40
C SER A 929 -14.49 -12.86 -15.93
N HIS A 930 -14.52 -12.47 -14.65
CA HIS A 930 -13.44 -11.66 -14.12
C HIS A 930 -12.11 -12.39 -14.19
N GLN A 931 -12.10 -13.66 -13.79
CA GLN A 931 -10.83 -14.37 -13.68
C GLN A 931 -10.11 -14.45 -15.01
N ASP A 932 -10.78 -14.94 -16.05
CA ASP A 932 -10.16 -15.07 -17.37
C ASP A 932 -10.35 -13.83 -18.23
N LEU A 933 -10.79 -12.71 -17.67
CA LEU A 933 -10.46 -11.42 -18.26
C LEU A 933 -9.01 -11.05 -17.96
N HIS A 934 -8.62 -11.10 -16.69
CA HIS A 934 -7.24 -10.85 -16.32
C HIS A 934 -6.28 -11.79 -17.04
N SER A 935 -6.68 -13.04 -17.26
CA SER A 935 -5.85 -13.96 -18.03
C SER A 935 -5.50 -13.40 -19.41
N GLU A 936 -6.44 -12.71 -20.07
CA GLU A 936 -6.10 -12.12 -21.37
C GLU A 936 -5.05 -11.02 -21.22
N ALA A 937 -5.23 -10.13 -20.26
CA ALA A 937 -4.25 -9.06 -20.04
C ALA A 937 -2.89 -9.62 -19.66
N TRP A 938 -2.86 -10.62 -18.79
CA TRP A 938 -1.61 -11.23 -18.37
C TRP A 938 -0.89 -11.92 -19.51
N PHE A 939 -1.62 -12.60 -20.40
CA PHE A 939 -0.98 -13.20 -21.56
C PHE A 939 -0.34 -12.17 -22.49
N LEU A 940 -1.00 -11.03 -22.71
CA LEU A 940 -0.39 -10.00 -23.53
C LEU A 940 0.89 -9.46 -22.91
N PHE A 941 0.91 -9.32 -21.59
CA PHE A 941 2.16 -8.95 -20.93
C PHE A 941 3.22 -10.02 -21.12
N LEU A 942 2.85 -11.29 -20.97
CA LEU A 942 3.84 -12.36 -21.17
C LEU A 942 4.45 -12.31 -22.55
N THR A 943 3.63 -12.28 -23.60
CA THR A 943 4.16 -12.25 -24.95
C THR A 943 4.92 -10.97 -25.25
N THR A 944 4.49 -9.83 -24.69
CA THR A 944 5.25 -8.60 -24.87
C THR A 944 6.63 -8.71 -24.24
N SER A 945 6.71 -9.22 -23.01
CA SER A 945 8.00 -9.40 -22.37
C SER A 945 8.84 -10.45 -23.06
N ARG A 946 8.21 -11.55 -23.48
CA ARG A 946 8.93 -12.61 -24.18
C ARG A 946 9.47 -12.16 -25.52
N TRP A 947 8.76 -11.28 -26.23
CA TRP A 947 9.29 -10.73 -27.47
C TRP A 947 10.57 -9.94 -27.26
N PHE A 948 10.66 -9.19 -26.17
CA PHE A 948 11.90 -8.47 -25.86
C PHE A 948 13.00 -9.42 -25.39
N ALA A 949 12.69 -10.29 -24.44
CA ALA A 949 13.68 -11.18 -23.86
C ALA A 949 14.36 -12.08 -24.88
N VAL A 950 13.61 -12.65 -25.84
CA VAL A 950 14.24 -13.56 -26.79
C VAL A 950 15.29 -12.84 -27.64
N ARG A 951 15.02 -11.61 -28.07
CA ARG A 951 15.97 -10.92 -28.92
C ARG A 951 17.00 -10.12 -28.14
N LEU A 952 16.72 -9.81 -26.88
CA LEU A 952 17.77 -9.40 -25.95
C LEU A 952 18.82 -10.50 -25.79
N ASP A 953 18.37 -11.75 -25.63
CA ASP A 953 19.27 -12.89 -25.73
C ASP A 953 19.87 -13.04 -27.12
N ALA A 954 19.15 -12.68 -28.18
CA ALA A 954 19.70 -12.85 -29.51
C ALA A 954 20.96 -12.00 -29.70
N ILE A 955 20.91 -10.72 -29.34
CA ILE A 955 22.12 -9.90 -29.47
C ILE A 955 23.20 -10.37 -28.51
N CYS A 956 22.81 -10.89 -27.35
CA CYS A 956 23.78 -11.50 -26.45
C CYS A 956 24.39 -12.78 -27.02
N ALA A 957 23.58 -13.58 -27.71
CA ALA A 957 24.13 -14.76 -28.40
C ALA A 957 25.06 -14.37 -29.54
N VAL A 958 24.68 -13.39 -30.35
CA VAL A 958 25.55 -12.90 -31.41
C VAL A 958 26.91 -12.49 -30.88
N PHE A 959 26.93 -11.80 -29.74
CA PHE A 959 28.21 -11.42 -29.14
C PHE A 959 29.14 -12.61 -28.95
N VAL A 960 28.62 -13.72 -28.42
CA VAL A 960 29.47 -14.89 -28.25
C VAL A 960 29.92 -15.45 -29.58
N ILE A 961 29.05 -15.43 -30.61
CA ILE A 961 29.49 -15.86 -31.94
C ILE A 961 30.67 -15.00 -32.40
N VAL A 962 30.55 -13.68 -32.29
CA VAL A 962 31.58 -12.80 -32.81
C VAL A 962 32.91 -13.01 -32.10
N VAL A 963 32.88 -13.18 -30.78
CA VAL A 963 34.10 -13.48 -30.05
C VAL A 963 34.62 -14.86 -30.40
N ALA A 964 33.73 -15.84 -30.51
CA ALA A 964 34.17 -17.21 -30.76
C ALA A 964 34.90 -17.33 -32.09
N PHE A 965 34.25 -16.91 -33.19
CA PHE A 965 34.90 -16.95 -34.49
C PHE A 965 35.86 -15.79 -34.71
N GLY A 966 35.59 -14.62 -34.14
CA GLY A 966 36.55 -13.54 -34.26
C GLY A 966 37.91 -13.88 -33.71
N SER A 967 37.94 -14.61 -32.59
CA SER A 967 39.19 -15.16 -32.07
C SER A 967 39.91 -16.02 -33.10
N LEU A 968 39.18 -16.94 -33.74
CA LEU A 968 39.81 -17.84 -34.69
C LEU A 968 40.20 -17.15 -36.00
N ILE A 969 39.39 -16.19 -36.45
CA ILE A 969 39.75 -15.47 -37.67
C ILE A 969 41.03 -14.67 -37.48
N LEU A 970 41.28 -14.18 -36.27
CA LEU A 970 42.49 -13.43 -35.94
C LEU A 970 43.51 -14.26 -35.18
N ALA A 971 43.35 -15.59 -35.18
CA ALA A 971 44.08 -16.45 -34.25
C ALA A 971 45.57 -16.18 -34.24
N LYS A 972 46.15 -15.87 -35.41
CA LYS A 972 47.58 -15.63 -35.48
C LYS A 972 48.04 -14.45 -34.63
N THR A 973 47.17 -13.48 -34.38
CA THR A 973 47.57 -12.25 -33.70
C THR A 973 47.48 -12.33 -32.18
N LEU A 974 46.86 -13.36 -31.61
CA LEU A 974 46.58 -13.37 -30.18
C LEU A 974 46.82 -14.76 -29.59
N ASP A 975 47.05 -14.78 -28.28
CA ASP A 975 47.60 -15.93 -27.57
C ASP A 975 46.60 -16.47 -26.54
N ALA A 976 46.79 -17.74 -26.21
CA ALA A 976 45.74 -18.55 -25.60
C ALA A 976 45.10 -17.85 -24.41
N GLY A 977 45.91 -17.28 -23.53
CA GLY A 977 45.35 -16.65 -22.35
C GLY A 977 44.37 -15.55 -22.68
N GLN A 978 44.59 -14.83 -23.77
CA GLN A 978 43.71 -13.73 -24.11
C GLN A 978 42.39 -14.23 -24.69
N VAL A 979 42.43 -15.32 -25.46
CA VAL A 979 41.20 -15.92 -25.94
C VAL A 979 40.38 -16.49 -24.79
N GLY A 980 41.03 -17.14 -23.83
CA GLY A 980 40.31 -17.60 -22.66
C GLY A 980 39.68 -16.48 -21.86
N LEU A 981 40.42 -15.38 -21.67
CA LEU A 981 39.86 -14.22 -20.98
C LEU A 981 38.67 -13.66 -21.74
N ALA A 982 38.80 -13.51 -23.07
CA ALA A 982 37.67 -13.05 -23.87
C ALA A 982 36.48 -13.98 -23.73
N LEU A 983 36.68 -15.27 -24.04
CA LEU A 983 35.56 -16.19 -24.13
C LEU A 983 34.96 -16.53 -22.77
N SER A 984 35.78 -16.73 -21.74
CA SER A 984 35.20 -17.01 -20.43
C SER A 984 34.37 -15.85 -19.92
N TYR A 985 34.69 -14.63 -20.34
CA TYR A 985 33.82 -13.50 -20.01
C TYR A 985 32.58 -13.45 -20.88
N ALA A 986 32.74 -13.60 -22.20
CA ALA A 986 31.59 -13.57 -23.10
C ALA A 986 30.54 -14.59 -22.70
N LEU A 987 30.96 -15.79 -22.31
CA LEU A 987 30.02 -16.82 -21.87
C LEU A 987 29.15 -16.37 -20.70
N THR A 988 29.62 -15.43 -19.89
CA THR A 988 28.83 -14.97 -18.75
C THR A 988 27.87 -13.84 -19.09
N LEU A 989 27.98 -13.26 -20.28
CA LEU A 989 27.19 -12.06 -20.57
C LEU A 989 25.70 -12.35 -20.53
N MET A 990 25.29 -13.52 -21.03
CA MET A 990 23.89 -13.90 -21.00
C MET A 990 23.41 -14.24 -19.59
N GLY A 991 22.24 -13.73 -19.23
CA GLY A 991 21.82 -13.59 -17.86
C GLY A 991 22.15 -12.26 -17.21
N MET A 992 23.42 -11.89 -17.11
CA MET A 992 23.75 -10.60 -16.51
C MET A 992 23.25 -9.46 -17.38
N PHE A 993 23.38 -9.57 -18.69
CA PHE A 993 22.87 -8.56 -19.59
C PHE A 993 21.35 -8.36 -19.44
N GLN A 994 20.58 -9.44 -19.43
CA GLN A 994 19.14 -9.32 -19.21
C GLN A 994 18.82 -8.69 -17.85
N TRP A 995 19.43 -9.18 -16.79
CA TRP A 995 19.24 -8.56 -15.48
C TRP A 995 19.68 -7.10 -15.46
N CYS A 996 20.79 -6.76 -16.12
CA CYS A 996 21.18 -5.36 -16.23
C CYS A 996 20.08 -4.49 -16.81
N VAL A 997 19.54 -4.86 -17.97
CA VAL A 997 18.43 -4.14 -18.58
C VAL A 997 17.22 -4.09 -17.64
N ARG A 998 16.87 -5.24 -17.05
CA ARG A 998 15.78 -5.26 -16.08
C ARG A 998 15.98 -4.25 -14.95
N GLN A 999 17.13 -4.30 -14.28
CA GLN A 999 17.37 -3.35 -13.21
C GLN A 999 17.42 -1.91 -13.70
N SER A 1000 17.88 -1.70 -14.94
CA SER A 1000 17.81 -0.37 -15.53
C SER A 1000 16.39 0.18 -15.53
N ALA A 1001 15.44 -0.61 -16.01
CA ALA A 1001 14.03 -0.21 -15.96
C ALA A 1001 13.55 0.07 -14.54
N GLU A 1002 13.92 -0.77 -13.58
CA GLU A 1002 13.48 -0.55 -12.20
C GLU A 1002 14.07 0.72 -11.59
N VAL A 1003 15.32 1.04 -11.86
CA VAL A 1003 15.87 2.32 -11.43
C VAL A 1003 15.05 3.48 -12.00
N GLU A 1004 14.88 3.52 -13.32
CA GLU A 1004 14.09 4.59 -13.93
C GLU A 1004 12.70 4.69 -13.33
N ASN A 1005 12.07 3.54 -13.07
CA ASN A 1005 10.75 3.52 -12.44
C ASN A 1005 10.73 4.15 -11.06
N MET A 1006 11.58 3.67 -10.15
CA MET A 1006 11.56 4.22 -8.79
C MET A 1006 12.01 5.66 -8.72
N MET A 1007 12.83 6.12 -9.67
CA MET A 1007 13.18 7.54 -9.68
C MET A 1007 11.96 8.44 -9.77
N ILE A 1008 10.82 7.92 -10.22
CA ILE A 1008 9.58 8.70 -10.15
C ILE A 1008 9.31 9.18 -8.72
N SER A 1009 9.58 8.34 -7.74
CA SER A 1009 9.35 8.74 -6.35
C SER A 1009 10.34 9.79 -5.89
N VAL A 1010 11.60 9.73 -6.33
CA VAL A 1010 12.56 10.78 -6.00
C VAL A 1010 12.12 12.10 -6.62
N GLU A 1011 11.71 12.07 -7.88
CA GLU A 1011 11.17 13.25 -8.51
C GLU A 1011 10.01 13.86 -7.73
N ARG A 1012 9.12 13.03 -7.19
CA ARG A 1012 8.01 13.54 -6.39
C ARG A 1012 8.45 14.18 -5.06
N VAL A 1013 9.50 13.71 -4.41
CA VAL A 1013 9.97 14.48 -3.25
C VAL A 1013 10.64 15.78 -3.67
N ILE A 1014 11.33 15.79 -4.81
CA ILE A 1014 12.04 16.99 -5.22
C ILE A 1014 11.09 18.18 -5.35
N GLU A 1015 9.98 18.00 -6.08
CA GLU A 1015 8.98 19.06 -6.15
C GLU A 1015 8.52 19.56 -4.77
N TYR A 1016 8.34 18.67 -3.81
CA TYR A 1016 8.02 19.10 -2.45
C TYR A 1016 9.16 19.81 -1.74
N THR A 1017 10.37 19.79 -2.27
CA THR A 1017 11.39 20.71 -1.78
C THR A 1017 11.27 22.11 -2.38
N ASP A 1018 10.52 22.27 -3.47
CA ASP A 1018 10.42 23.53 -4.18
C ASP A 1018 9.18 24.34 -3.83
N LEU A 1019 8.30 23.84 -2.95
CA LEU A 1019 7.08 24.56 -2.61
C LEU A 1019 7.36 25.98 -2.17
N GLU A 1020 6.53 26.89 -2.66
CA GLU A 1020 6.54 28.28 -2.19
C GLU A 1020 6.39 28.34 -0.67
N LYS A 1021 7.00 29.35 -0.08
CA LYS A 1021 7.11 29.51 1.36
C LYS A 1021 6.33 30.74 1.81
N GLU A 1022 5.73 30.65 3.00
CA GLU A 1022 5.33 31.85 3.71
C GLU A 1022 6.54 32.75 3.98
N ALA A 1023 6.25 34.03 4.20
CA ALA A 1023 7.27 35.00 4.57
C ALA A 1023 8.03 34.57 5.81
N PRO A 1024 9.18 35.21 6.06
CA PRO A 1024 10.08 34.74 7.12
C PRO A 1024 9.42 34.73 8.49
N TRP A 1025 9.80 33.73 9.29
CA TRP A 1025 9.29 33.62 10.65
C TRP A 1025 9.72 34.82 11.50
N GLU A 1026 10.95 35.28 11.33
CA GLU A 1026 11.42 36.54 11.88
C GLU A 1026 11.88 37.46 10.75
N TYR A 1027 11.28 38.63 10.65
CA TYR A 1027 11.78 39.68 9.78
C TYR A 1027 13.06 40.30 10.35
N GLN A 1028 13.70 41.12 9.51
CA GLN A 1028 14.82 41.95 9.96
C GLN A 1028 14.40 42.83 11.13
N LYS A 1029 13.25 43.49 11.01
CA LYS A 1029 12.62 44.15 12.13
C LYS A 1029 12.00 43.13 13.07
N ARG A 1030 12.24 43.31 14.38
CA ARG A 1030 11.56 42.53 15.40
C ARG A 1030 10.93 43.48 16.41
N PRO A 1031 9.74 43.15 16.91
CA PRO A 1031 9.03 44.09 17.78
C PRO A 1031 9.68 44.25 19.14
N LEU A 1032 9.29 45.33 19.81
CA LEU A 1032 9.75 45.59 21.17
C LEU A 1032 9.40 44.44 22.09
N PRO A 1033 10.25 44.12 23.06
CA PRO A 1033 10.05 42.91 23.87
C PRO A 1033 8.77 42.92 24.68
N SER A 1034 8.26 44.10 25.03
CA SER A 1034 7.01 44.22 25.76
C SER A 1034 5.78 44.27 24.88
N TRP A 1035 5.93 44.46 23.57
CA TRP A 1035 4.79 44.49 22.69
C TRP A 1035 4.17 43.10 22.60
N PRO A 1036 2.84 43.01 22.41
CA PRO A 1036 1.83 44.08 22.43
C PRO A 1036 1.51 44.62 23.82
N HIS A 1037 1.51 45.95 23.92
CA HIS A 1037 1.29 46.62 25.19
C HIS A 1037 -0.19 46.56 25.59
N GLU A 1038 -1.07 46.87 24.65
CA GLU A 1038 -2.48 47.14 24.92
C GLU A 1038 -3.38 46.30 24.01
N GLY A 1039 -2.87 45.89 22.87
CA GLY A 1039 -3.68 45.17 21.90
C GLY A 1039 -4.80 45.99 21.29
N VAL A 1040 -4.52 47.26 21.01
CA VAL A 1040 -5.35 48.06 20.10
C VAL A 1040 -5.14 47.49 18.70
N ILE A 1041 -6.19 46.93 18.11
CA ILE A 1041 -6.11 46.34 16.77
C ILE A 1041 -6.96 47.17 15.83
N ILE A 1042 -6.33 47.72 14.80
CA ILE A 1042 -6.99 48.49 13.76
C ILE A 1042 -6.99 47.67 12.47
N PHE A 1043 -8.18 47.45 11.93
CA PHE A 1043 -8.36 47.02 10.55
C PHE A 1043 -8.63 48.25 9.69
N ASP A 1044 -7.90 48.36 8.58
CA ASP A 1044 -8.03 49.50 7.66
C ASP A 1044 -7.93 48.99 6.23
N ASN A 1045 -9.05 49.08 5.50
CA ASN A 1045 -9.16 48.62 4.13
C ASN A 1045 -8.71 47.16 3.98
N VAL A 1046 -8.79 46.41 5.07
CA VAL A 1046 -8.23 45.06 5.07
C VAL A 1046 -8.97 44.25 4.03
N ASN A 1047 -8.21 43.60 3.15
CA ASN A 1047 -8.76 42.82 2.05
C ASN A 1047 -8.01 41.49 2.05
N PHE A 1048 -8.76 40.40 1.97
CA PHE A 1048 -8.20 39.06 2.14
C PHE A 1048 -8.85 38.08 1.18
N SER A 1049 -8.03 37.17 0.68
CA SER A 1049 -8.49 35.99 -0.04
C SER A 1049 -7.57 34.83 0.31
N TYR A 1050 -8.14 33.62 0.33
CA TYR A 1050 -7.33 32.43 0.51
C TYR A 1050 -6.31 32.27 -0.60
N SER A 1051 -6.60 32.79 -1.79
CA SER A 1051 -5.65 32.75 -2.90
C SER A 1051 -5.81 34.03 -3.71
N LEU A 1052 -4.69 34.47 -4.29
CA LEU A 1052 -4.72 35.63 -5.18
C LEU A 1052 -5.66 35.38 -6.35
N ASP A 1053 -5.71 34.15 -6.84
CA ASP A 1053 -6.63 33.78 -7.91
C ASP A 1053 -8.03 33.46 -7.40
N GLY A 1054 -8.27 33.53 -6.09
CA GLY A 1054 -9.55 33.18 -5.54
C GLY A 1054 -10.41 34.41 -5.29
N PRO A 1055 -11.65 34.19 -4.85
CA PRO A 1055 -12.51 35.33 -4.50
C PRO A 1055 -12.03 36.09 -3.29
N LEU A 1056 -12.36 37.38 -3.26
CA LEU A 1056 -12.07 38.28 -2.15
C LEU A 1056 -13.13 38.09 -1.07
N VAL A 1057 -12.81 37.28 -0.06
CA VAL A 1057 -13.79 36.95 0.98
C VAL A 1057 -13.93 38.06 2.01
N LEU A 1058 -12.90 38.90 2.17
CA LEU A 1058 -12.99 40.13 2.94
C LEU A 1058 -12.51 41.30 2.09
N LYS A 1059 -13.25 42.40 2.15
CA LYS A 1059 -12.86 43.62 1.43
C LYS A 1059 -13.20 44.84 2.26
N HIS A 1060 -12.34 45.85 2.14
CA HIS A 1060 -12.51 47.14 2.79
C HIS A 1060 -12.68 47.03 4.31
N LEU A 1061 -12.47 45.84 4.86
CA LEU A 1061 -12.71 45.57 6.28
C LEU A 1061 -11.97 46.59 7.13
N THR A 1062 -12.71 47.46 7.84
CA THR A 1062 -12.10 48.61 8.51
C THR A 1062 -12.77 48.81 9.87
N ALA A 1063 -12.02 48.55 10.94
CA ALA A 1063 -12.57 48.55 12.29
C ALA A 1063 -11.45 48.84 13.28
N LEU A 1064 -11.80 49.54 14.36
CA LEU A 1064 -10.96 49.65 15.54
C LEU A 1064 -11.47 48.72 16.63
N ILE A 1065 -10.57 47.88 17.16
CA ILE A 1065 -10.80 47.14 18.38
C ILE A 1065 -9.98 47.76 19.51
N LYS A 1066 -10.67 48.41 20.44
CA LYS A 1066 -10.01 49.09 21.55
C LYS A 1066 -9.45 48.08 22.54
N SER A 1067 -8.41 48.50 23.24
CA SER A 1067 -7.75 47.65 24.23
C SER A 1067 -8.74 47.13 25.27
N LYS A 1068 -8.65 45.83 25.56
CA LYS A 1068 -9.52 45.09 26.47
C LYS A 1068 -10.98 45.07 26.04
N GLU A 1069 -11.29 45.60 24.87
CA GLU A 1069 -12.67 45.56 24.37
C GLU A 1069 -13.09 44.12 24.12
N LYS A 1070 -14.33 43.80 24.48
CA LYS A 1070 -14.91 42.50 24.18
C LYS A 1070 -15.84 42.64 22.98
N VAL A 1071 -15.47 41.97 21.88
CA VAL A 1071 -16.12 42.11 20.59
C VAL A 1071 -16.52 40.73 20.08
N GLY A 1072 -17.78 40.57 19.72
CA GLY A 1072 -18.24 39.37 19.04
C GLY A 1072 -18.26 39.56 17.53
N ILE A 1073 -17.91 38.50 16.83
CA ILE A 1073 -18.01 38.41 15.37
C ILE A 1073 -19.21 37.55 15.00
N VAL A 1074 -20.09 38.11 14.16
CA VAL A 1074 -21.36 37.48 13.79
C VAL A 1074 -21.42 37.41 12.27
N GLY A 1075 -21.89 36.28 11.76
CA GLY A 1075 -22.14 36.14 10.34
C GLY A 1075 -22.90 34.87 10.01
N ARG A 1076 -23.68 34.91 8.92
CA ARG A 1076 -24.42 33.74 8.49
C ARG A 1076 -23.48 32.55 8.27
N THR A 1077 -24.01 31.36 8.55
CA THR A 1077 -23.27 30.12 8.32
C THR A 1077 -22.84 29.99 6.88
N GLY A 1078 -21.56 29.69 6.67
CA GLY A 1078 -20.98 29.60 5.35
C GLY A 1078 -20.54 30.91 4.74
N ALA A 1079 -20.67 32.01 5.48
CA ALA A 1079 -20.23 33.32 4.99
C ALA A 1079 -18.73 33.48 5.00
N GLY A 1080 -17.98 32.47 5.43
CA GLY A 1080 -16.54 32.63 5.59
C GLY A 1080 -16.17 33.44 6.80
N LYS A 1081 -17.09 33.53 7.77
CA LYS A 1081 -16.95 34.46 8.89
C LYS A 1081 -15.55 34.39 9.51
N SER A 1082 -15.01 33.19 9.67
CA SER A 1082 -13.71 33.00 10.29
C SER A 1082 -12.55 33.47 9.42
N SER A 1083 -12.80 33.92 8.20
CA SER A 1083 -11.71 34.44 7.36
C SER A 1083 -10.94 35.54 8.07
N LEU A 1084 -11.59 36.27 8.98
CA LEU A 1084 -10.89 37.24 9.81
C LEU A 1084 -9.72 36.60 10.56
N ILE A 1085 -9.92 35.41 11.10
CA ILE A 1085 -8.84 34.70 11.78
C ILE A 1085 -7.66 34.47 10.85
N ALA A 1086 -7.92 33.89 9.67
CA ALA A 1086 -6.86 33.64 8.71
C ALA A 1086 -6.11 34.92 8.35
N ALA A 1087 -6.83 36.04 8.24
CA ALA A 1087 -6.18 37.31 7.94
C ALA A 1087 -5.33 37.79 9.12
N LEU A 1088 -5.86 37.70 10.34
CA LEU A 1088 -5.13 38.23 11.49
C LEU A 1088 -3.87 37.41 11.78
N PHE A 1089 -3.94 36.09 11.69
CA PHE A 1089 -2.74 35.27 11.76
C PHE A 1089 -1.97 35.23 10.45
N ARG A 1090 -2.36 36.04 9.47
CA ARG A 1090 -1.69 36.08 8.18
C ARG A 1090 -1.39 34.70 7.60
N LEU A 1091 -2.41 33.84 7.57
CA LEU A 1091 -2.21 32.55 6.94
C LEU A 1091 -2.11 32.72 5.43
N SER A 1092 -2.80 33.73 4.91
CA SER A 1092 -2.57 34.32 3.60
C SER A 1092 -2.34 35.80 3.82
N GLU A 1093 -1.43 36.39 3.07
CA GLU A 1093 -1.10 37.78 3.33
C GLU A 1093 -2.30 38.66 3.00
N PRO A 1094 -2.75 39.51 3.91
CA PRO A 1094 -3.78 40.48 3.58
C PRO A 1094 -3.27 41.55 2.64
N GLU A 1095 -4.19 42.07 1.84
CA GLU A 1095 -4.13 43.45 1.37
C GLU A 1095 -4.72 44.40 2.42
N GLY A 1096 -4.32 45.66 2.31
CA GLY A 1096 -4.49 46.66 3.34
C GLY A 1096 -3.59 46.48 4.56
N LYS A 1097 -3.96 47.17 5.64
CA LYS A 1097 -3.15 47.27 6.83
C LYS A 1097 -3.87 46.76 8.07
N ILE A 1098 -3.24 45.83 8.78
CA ILE A 1098 -3.65 45.41 10.11
C ILE A 1098 -2.57 45.87 11.10
N TRP A 1099 -2.99 46.65 12.09
CA TRP A 1099 -2.10 47.19 13.12
C TRP A 1099 -2.43 46.59 14.49
N ILE A 1100 -1.37 46.27 15.23
CA ILE A 1100 -1.48 45.91 16.65
C ILE A 1100 -0.53 46.81 17.41
N ASP A 1101 -1.08 47.66 18.27
CA ASP A 1101 -0.33 48.70 18.98
C ASP A 1101 0.49 49.54 18.01
N LYS A 1102 -0.12 49.86 16.88
CA LYS A 1102 0.50 50.60 15.78
C LYS A 1102 1.70 49.89 15.15
N ILE A 1103 1.94 48.63 15.50
CA ILE A 1103 2.85 47.80 14.71
C ILE A 1103 2.09 47.21 13.53
N LEU A 1104 2.57 47.45 12.32
CA LEU A 1104 1.95 46.91 11.13
C LEU A 1104 2.25 45.42 11.04
N THR A 1105 1.22 44.60 11.19
CA THR A 1105 1.41 43.15 11.30
C THR A 1105 2.02 42.55 10.03
N THR A 1106 1.84 43.20 8.88
CA THR A 1106 2.54 42.76 7.68
C THR A 1106 4.04 43.00 7.76
N GLU A 1107 4.47 43.95 8.57
CA GLU A 1107 5.86 44.36 8.64
C GLU A 1107 6.63 43.73 9.80
N ILE A 1108 6.16 42.60 10.34
CA ILE A 1108 6.89 41.91 11.40
C ILE A 1108 6.96 40.42 11.12
N GLY A 1109 7.88 39.76 11.82
CA GLY A 1109 8.07 38.34 11.64
C GLY A 1109 6.85 37.53 12.04
N LEU A 1110 6.56 36.51 11.23
CA LEU A 1110 5.32 35.76 11.42
C LEU A 1110 5.26 35.05 12.76
N HIS A 1111 6.39 34.57 13.28
CA HIS A 1111 6.35 33.97 14.61
C HIS A 1111 6.15 35.01 15.69
N ASP A 1112 6.65 36.22 15.48
CA ASP A 1112 6.40 37.29 16.45
C ASP A 1112 4.91 37.57 16.57
N LEU A 1113 4.26 37.77 15.43
CA LEU A 1113 2.83 38.05 15.42
C LEU A 1113 2.02 36.87 15.95
N ARG A 1114 2.29 35.67 15.44
CA ARG A 1114 1.46 34.51 15.79
C ARG A 1114 1.60 34.11 17.25
N LYS A 1115 2.81 34.10 17.79
CA LYS A 1115 2.98 33.70 19.19
C LYS A 1115 2.24 34.61 20.15
N LYS A 1116 2.31 35.93 19.94
CA LYS A 1116 1.82 36.86 20.95
C LYS A 1116 0.30 36.94 21.04
N MET A 1117 -0.45 36.57 20.01
CA MET A 1117 -1.87 36.38 20.21
C MET A 1117 -2.16 34.99 20.78
N SER A 1118 -3.37 34.81 21.30
CA SER A 1118 -3.84 33.51 21.76
C SER A 1118 -5.16 33.12 21.13
N ILE A 1119 -5.28 31.84 20.77
CA ILE A 1119 -6.38 31.34 19.97
C ILE A 1119 -6.90 30.06 20.60
N ILE A 1120 -8.22 29.93 20.67
CA ILE A 1120 -8.91 28.73 21.12
C ILE A 1120 -9.67 28.17 19.92
N PRO A 1121 -9.23 27.06 19.33
CA PRO A 1121 -9.81 26.63 18.04
C PRO A 1121 -11.18 26.02 18.21
N GLN A 1122 -11.91 26.02 17.09
CA GLN A 1122 -13.20 25.35 17.00
C GLN A 1122 -13.12 23.88 17.39
N GLU A 1123 -12.30 23.11 16.67
CA GLU A 1123 -12.04 21.72 17.04
C GLU A 1123 -10.73 21.62 17.82
N PRO A 1124 -10.74 21.06 19.03
CA PRO A 1124 -9.49 20.90 19.77
C PRO A 1124 -8.58 19.87 19.14
N VAL A 1125 -7.30 19.98 19.46
CA VAL A 1125 -6.28 19.01 19.06
C VAL A 1125 -5.41 18.72 20.26
N LEU A 1126 -5.29 17.44 20.61
CA LEU A 1126 -4.27 16.96 21.54
C LEU A 1126 -3.24 16.16 20.77
N PHE A 1127 -1.98 16.58 20.85
CA PHE A 1127 -0.88 15.88 20.22
C PHE A 1127 -0.37 14.78 21.14
N THR A 1128 0.02 13.66 20.54
CA THR A 1128 0.47 12.50 21.28
C THR A 1128 1.92 12.64 21.71
N GLY A 1129 2.21 13.76 22.38
CA GLY A 1129 3.35 13.88 23.26
C GLY A 1129 2.92 13.58 24.69
N THR A 1130 3.66 14.12 25.65
CA THR A 1130 3.18 14.06 27.01
C THR A 1130 2.04 15.06 27.19
N MET A 1131 1.36 14.97 28.33
CA MET A 1131 0.47 16.06 28.71
C MET A 1131 1.22 17.38 28.81
N ARG A 1132 2.42 17.36 29.39
CA ARG A 1132 3.25 18.55 29.45
C ARG A 1132 3.48 19.15 28.06
N LYS A 1133 3.86 18.32 27.09
CA LYS A 1133 4.01 18.78 25.71
C LYS A 1133 2.76 19.48 25.18
N ASN A 1134 1.60 18.84 25.32
CA ASN A 1134 0.37 19.47 24.86
C ASN A 1134 0.12 20.81 25.52
N LEU A 1135 0.61 20.99 26.74
CA LEU A 1135 0.46 22.26 27.44
C LEU A 1135 1.64 23.20 27.21
N ASP A 1136 2.86 22.69 27.14
CA ASP A 1136 4.06 23.53 27.22
C ASP A 1136 5.20 22.88 26.43
N PRO A 1137 5.07 22.80 25.11
CA PRO A 1137 6.08 22.10 24.31
C PRO A 1137 7.43 22.82 24.29
N PHE A 1138 7.44 24.13 24.50
CA PHE A 1138 8.69 24.85 24.73
C PHE A 1138 9.21 24.66 26.16
N ASN A 1139 8.45 23.96 26.99
CA ASN A 1139 8.88 23.54 28.33
C ASN A 1139 9.33 24.71 29.21
N GLU A 1140 8.62 25.83 29.13
CA GLU A 1140 9.08 27.07 29.76
C GLU A 1140 8.20 27.50 30.93
N HIS A 1141 6.99 26.96 31.05
CA HIS A 1141 6.10 27.23 32.16
C HIS A 1141 6.46 26.40 33.38
N SER A 1142 6.20 26.97 34.56
CA SER A 1142 6.34 26.21 35.80
C SER A 1142 5.25 25.15 35.91
N ASP A 1143 5.65 23.99 36.46
CA ASP A 1143 4.68 22.95 36.80
C ASP A 1143 3.58 23.45 37.74
N GLU A 1144 3.88 24.42 38.59
CA GLU A 1144 2.82 24.99 39.42
C GLU A 1144 1.78 25.70 38.57
N GLU A 1145 2.22 26.43 37.55
CA GLU A 1145 1.29 27.01 36.59
C GLU A 1145 0.45 25.94 35.90
N LEU A 1146 1.11 24.89 35.40
CA LEU A 1146 0.41 23.77 34.77
C LEU A 1146 -0.65 23.18 35.69
N TRP A 1147 -0.28 22.86 36.94
CA TRP A 1147 -1.27 22.35 37.88
C TRP A 1147 -2.38 23.36 38.15
N ASN A 1148 -2.04 24.64 38.24
CA ASN A 1148 -3.08 25.65 38.41
C ASN A 1148 -4.06 25.64 37.24
N ALA A 1149 -3.53 25.68 36.02
CA ALA A 1149 -4.38 25.55 34.83
C ALA A 1149 -5.23 24.30 34.88
N LEU A 1150 -4.60 23.15 35.12
CA LEU A 1150 -5.32 21.89 35.17
C LEU A 1150 -6.33 21.87 36.31
N GLU A 1151 -6.04 22.55 37.41
CA GLU A 1151 -7.05 22.75 38.44
C GLU A 1151 -8.13 23.71 37.96
N GLU A 1152 -7.73 24.79 37.29
CA GLU A 1152 -8.70 25.80 36.86
C GLU A 1152 -9.68 25.24 35.84
N VAL A 1153 -9.25 24.29 34.99
CA VAL A 1153 -10.18 23.56 34.14
C VAL A 1153 -10.69 22.29 34.79
N GLN A 1154 -10.30 22.00 36.04
CA GLN A 1154 -10.73 20.81 36.77
C GLN A 1154 -10.36 19.53 36.07
N LEU A 1155 -9.41 19.56 35.15
CA LEU A 1155 -8.96 18.35 34.47
C LEU A 1155 -7.92 17.57 35.27
N LYS A 1156 -7.32 18.21 36.28
CA LYS A 1156 -6.26 17.58 37.05
C LYS A 1156 -6.63 16.18 37.53
N GLU A 1157 -7.91 15.96 37.83
CA GLU A 1157 -8.35 14.64 38.26
C GLU A 1157 -7.97 13.56 37.25
N ALA A 1158 -8.18 13.82 35.96
CA ALA A 1158 -7.74 12.88 34.94
C ALA A 1158 -6.22 12.79 34.87
N ILE A 1159 -5.52 13.89 35.16
CA ILE A 1159 -4.07 13.88 35.10
C ILE A 1159 -3.48 13.21 36.34
N GLU A 1160 -4.17 13.28 37.48
CA GLU A 1160 -3.79 12.46 38.63
C GLU A 1160 -4.18 11.00 38.42
N ASP A 1161 -5.26 10.75 37.67
CA ASP A 1161 -5.60 9.38 37.32
C ASP A 1161 -4.59 8.80 36.33
N LEU A 1162 -4.08 9.62 35.42
CA LEU A 1162 -2.99 9.16 34.58
C LEU A 1162 -1.74 8.89 35.41
N PRO A 1163 -1.03 7.79 35.15
CA PRO A 1163 -0.05 7.31 36.14
C PRO A 1163 1.18 8.19 36.24
N GLY A 1164 1.65 8.76 35.13
CA GLY A 1164 2.89 9.50 35.09
C GLY A 1164 2.78 10.94 35.53
N LYS A 1165 1.66 11.35 36.11
CA LYS A 1165 1.35 12.76 36.27
C LYS A 1165 1.48 13.49 34.93
N MET A 1166 1.99 14.71 34.94
CA MET A 1166 2.14 15.45 33.68
C MET A 1166 3.11 14.79 32.71
N ASP A 1167 4.02 13.96 33.19
CA ASP A 1167 4.85 13.17 32.29
C ASP A 1167 4.14 11.94 31.77
N THR A 1168 2.85 11.77 32.09
CA THR A 1168 2.07 10.70 31.48
C THR A 1168 2.06 10.81 29.97
N GLU A 1169 2.22 9.67 29.30
CA GLU A 1169 1.88 9.56 27.91
C GLU A 1169 0.38 9.73 27.72
N LEU A 1170 -0.02 10.31 26.59
CA LEU A 1170 -1.41 10.35 26.19
C LEU A 1170 -1.72 9.18 25.25
N ALA A 1171 -3.02 8.96 25.04
CA ALA A 1171 -3.47 8.01 24.04
C ALA A 1171 -3.27 8.58 22.64
N GLU A 1172 -3.57 7.74 21.64
CA GLU A 1172 -3.64 8.21 20.26
C GLU A 1172 -4.64 9.37 20.15
N SER A 1173 -4.16 10.51 19.64
CA SER A 1173 -4.95 11.74 19.58
C SER A 1173 -5.51 12.15 20.93
N GLY A 1174 -4.97 11.62 22.02
CA GLY A 1174 -5.56 11.85 23.33
C GLY A 1174 -6.95 11.27 23.48
N SER A 1175 -7.27 10.22 22.73
CA SER A 1175 -8.62 9.66 22.76
C SER A 1175 -9.05 9.25 24.16
N ASN A 1176 -8.09 9.07 25.08
CA ASN A 1176 -8.43 8.83 26.47
C ASN A 1176 -9.24 9.97 27.07
N PHE A 1177 -9.05 11.19 26.57
CA PHE A 1177 -9.89 12.32 26.96
C PHE A 1177 -11.08 12.45 26.03
N SER A 1178 -12.21 12.84 26.60
CA SER A 1178 -13.38 13.17 25.80
C SER A 1178 -13.13 14.41 24.94
N VAL A 1179 -13.95 14.56 23.90
CA VAL A 1179 -13.86 15.76 23.07
C VAL A 1179 -14.04 17.01 23.91
N GLY A 1180 -14.90 16.94 24.94
CA GLY A 1180 -14.99 18.04 25.88
C GLY A 1180 -13.70 18.29 26.63
N GLN A 1181 -13.12 17.24 27.21
CA GLN A 1181 -11.87 17.39 27.93
C GLN A 1181 -10.75 17.94 27.05
N ARG A 1182 -10.72 17.59 25.76
CA ARG A 1182 -9.82 18.26 24.83
C ARG A 1182 -10.05 19.76 24.81
N GLN A 1183 -11.32 20.18 24.70
CA GLN A 1183 -11.63 21.60 24.76
C GLN A 1183 -11.27 22.21 26.09
N LEU A 1184 -11.32 21.44 27.18
CA LEU A 1184 -10.78 21.95 28.44
C LEU A 1184 -9.29 22.26 28.33
N VAL A 1185 -8.53 21.35 27.70
CA VAL A 1185 -7.11 21.58 27.47
C VAL A 1185 -6.88 22.88 26.69
N CYS A 1186 -7.66 23.08 25.62
CA CYS A 1186 -7.59 24.33 24.86
C CYS A 1186 -7.73 25.56 25.75
N LEU A 1187 -8.67 25.53 26.69
CA LEU A 1187 -8.70 26.59 27.70
C LEU A 1187 -7.42 26.62 28.51
N ALA A 1188 -6.96 25.45 28.96
CA ALA A 1188 -5.69 25.39 29.70
C ALA A 1188 -4.55 26.02 28.91
N ARG A 1189 -4.39 25.62 27.64
CA ARG A 1189 -3.40 26.27 26.78
C ARG A 1189 -3.55 27.79 26.78
N ALA A 1190 -4.78 28.28 26.54
CA ALA A 1190 -5.02 29.72 26.60
C ALA A 1190 -4.68 30.30 27.96
N ILE A 1191 -5.08 29.64 29.04
CA ILE A 1191 -4.72 30.11 30.37
C ILE A 1191 -3.20 30.19 30.52
N LEU A 1192 -2.50 29.17 30.04
CA LEU A 1192 -1.04 29.17 30.14
C LEU A 1192 -0.43 30.25 29.25
N ARG A 1193 -0.79 30.28 27.97
CA ARG A 1193 -0.23 31.26 27.07
C ARG A 1193 -0.81 32.64 27.33
N LYS A 1194 -0.37 33.23 28.45
CA LYS A 1194 -0.72 34.59 28.84
C LYS A 1194 -0.44 35.59 27.72
N ASN A 1195 -1.49 36.22 27.21
CA ASN A 1195 -1.32 37.27 26.20
C ASN A 1195 -2.47 38.25 26.32
N ARG A 1196 -2.23 39.46 25.80
CA ARG A 1196 -3.24 40.52 25.78
C ARG A 1196 -4.41 40.22 24.85
N ILE A 1197 -4.25 39.35 23.86
CA ILE A 1197 -5.24 39.18 22.81
C ILE A 1197 -5.69 37.73 22.81
N LEU A 1198 -7.01 37.53 22.90
CA LEU A 1198 -7.61 36.21 22.81
C LEU A 1198 -8.63 36.17 21.68
N ILE A 1199 -8.64 35.06 20.95
CA ILE A 1199 -9.64 34.78 19.93
C ILE A 1199 -10.24 33.41 20.24
N ILE A 1200 -11.56 33.30 20.04
CA ILE A 1200 -12.30 32.07 20.23
C ILE A 1200 -13.09 31.76 18.97
N ASP A 1201 -13.00 30.52 18.50
CA ASP A 1201 -13.90 29.98 17.49
C ASP A 1201 -14.93 29.07 18.16
N GLU A 1202 -16.19 29.51 18.13
CA GLU A 1202 -17.26 28.95 18.95
C GLU A 1202 -17.58 27.52 18.53
N ALA A 1203 -17.22 26.55 19.38
CA ALA A 1203 -17.81 25.23 19.29
C ALA A 1203 -17.79 24.50 20.64
N THR A 1204 -17.87 25.25 21.73
CA THR A 1204 -17.75 24.72 23.09
C THR A 1204 -18.92 23.83 23.49
N ALA A 1205 -20.00 23.80 22.70
CA ALA A 1205 -21.07 22.82 22.89
C ALA A 1205 -20.63 21.39 22.61
N ASN A 1206 -19.36 21.15 22.26
CA ASN A 1206 -18.81 19.81 22.27
C ASN A 1206 -18.42 19.36 23.68
N VAL A 1207 -18.20 20.28 24.61
CA VAL A 1207 -18.38 19.95 26.02
C VAL A 1207 -19.85 19.69 26.29
N ASP A 1208 -20.11 18.76 27.20
CA ASP A 1208 -21.46 18.60 27.71
C ASP A 1208 -21.94 19.92 28.31
N PRO A 1209 -23.20 20.30 28.10
CA PRO A 1209 -23.65 21.63 28.53
C PRO A 1209 -23.29 21.94 29.98
N ARG A 1210 -23.39 20.95 30.86
CA ARG A 1210 -23.08 21.13 32.26
C ARG A 1210 -21.62 21.49 32.52
N THR A 1211 -20.74 21.40 31.52
CA THR A 1211 -19.37 21.89 31.69
C THR A 1211 -18.99 22.89 30.60
N ASP A 1212 -19.64 22.80 29.44
CA ASP A 1212 -19.56 23.88 28.46
C ASP A 1212 -19.79 25.22 29.13
N GLU A 1213 -20.91 25.34 29.83
CA GLU A 1213 -21.23 26.57 30.55
C GLU A 1213 -20.19 26.92 31.60
N LEU A 1214 -19.54 25.91 32.18
CA LEU A 1214 -18.52 26.17 33.19
C LEU A 1214 -17.28 26.79 32.59
N ILE A 1215 -16.76 26.23 31.49
CA ILE A 1215 -15.63 26.84 30.81
C ILE A 1215 -16.00 28.18 30.20
N GLN A 1216 -17.25 28.30 29.72
CA GLN A 1216 -17.74 29.59 29.28
C GLN A 1216 -17.63 30.64 30.38
N LYS A 1217 -17.93 30.26 31.61
CA LYS A 1217 -17.73 31.17 32.74
C LYS A 1217 -16.25 31.43 33.01
N LYS A 1218 -15.42 30.39 32.99
CA LYS A 1218 -13.98 30.57 33.14
C LYS A 1218 -13.42 31.60 32.16
N ILE A 1219 -13.80 31.48 30.88
CA ILE A 1219 -13.42 32.47 29.88
C ILE A 1219 -13.74 33.89 30.36
N ARG A 1220 -14.98 34.11 30.79
CA ARG A 1220 -15.35 35.38 31.38
C ARG A 1220 -14.45 35.74 32.56
N GLU A 1221 -14.31 34.83 33.53
CA GLU A 1221 -13.59 35.16 34.76
C GLU A 1221 -12.11 35.43 34.50
N LYS A 1222 -11.47 34.67 33.61
CA LYS A 1222 -10.04 34.82 33.44
C LYS A 1222 -9.67 36.03 32.59
N PHE A 1223 -10.16 36.08 31.36
CA PHE A 1223 -9.62 36.95 30.32
C PHE A 1223 -10.16 38.37 30.39
N ALA A 1224 -10.72 38.80 31.52
CA ALA A 1224 -11.05 40.21 31.70
C ALA A 1224 -9.86 41.11 31.46
N HIS A 1225 -8.65 40.59 31.64
CA HIS A 1225 -7.42 41.33 31.36
C HIS A 1225 -7.11 41.44 29.88
N CYS A 1226 -7.89 40.81 29.00
CA CYS A 1226 -7.57 40.69 27.58
C CYS A 1226 -8.61 41.46 26.76
N THR A 1227 -8.16 42.06 25.67
CA THR A 1227 -9.02 42.22 24.50
C THR A 1227 -9.40 40.87 23.92
N VAL A 1228 -10.70 40.64 23.78
CA VAL A 1228 -11.24 39.34 23.40
C VAL A 1228 -12.10 39.49 22.16
N LEU A 1229 -11.85 38.65 21.17
CA LEU A 1229 -12.69 38.48 20.00
C LEU A 1229 -13.32 37.10 20.08
N THR A 1230 -14.60 37.00 19.74
CA THR A 1230 -15.26 35.70 19.64
C THR A 1230 -16.17 35.66 18.44
N ILE A 1231 -15.93 34.69 17.57
CA ILE A 1231 -16.75 34.44 16.39
C ILE A 1231 -17.64 33.24 16.68
N ALA A 1232 -18.94 33.41 16.50
CA ALA A 1232 -19.90 32.40 16.95
C ALA A 1232 -21.11 32.35 16.03
N HIS A 1233 -21.73 31.17 15.98
CA HIS A 1233 -23.11 31.01 15.55
C HIS A 1233 -24.10 31.19 16.71
N ARG A 1234 -23.79 30.62 17.88
CA ARG A 1234 -24.71 30.67 19.01
C ARG A 1234 -24.60 32.05 19.65
N LEU A 1235 -25.46 32.96 19.17
CA LEU A 1235 -25.38 34.37 19.54
C LEU A 1235 -25.43 34.56 21.05
N ASN A 1236 -26.13 33.68 21.77
CA ASN A 1236 -26.15 33.74 23.22
C ASN A 1236 -24.74 33.74 23.82
N THR A 1237 -23.79 33.08 23.16
CA THR A 1237 -22.44 33.03 23.71
C THR A 1237 -21.75 34.37 23.64
N ILE A 1238 -21.87 35.06 22.50
CA ILE A 1238 -21.28 36.39 22.33
C ILE A 1238 -22.07 37.45 23.08
N ILE A 1239 -23.38 37.23 23.27
CA ILE A 1239 -24.32 38.34 23.45
C ILE A 1239 -23.86 39.33 24.50
N ASP A 1240 -23.13 38.87 25.52
CA ASP A 1240 -22.66 39.77 26.56
C ASP A 1240 -21.42 40.55 26.15
N SER A 1241 -20.97 40.46 24.90
CA SER A 1241 -19.85 41.25 24.45
C SER A 1241 -20.13 42.74 24.61
N ASP A 1242 -19.05 43.54 24.58
CA ASP A 1242 -19.19 44.99 24.53
C ASP A 1242 -19.65 45.50 23.17
N LYS A 1243 -19.25 44.82 22.09
CA LYS A 1243 -19.70 45.15 20.75
C LYS A 1243 -19.86 43.85 19.97
N ILE A 1244 -20.62 43.91 18.88
CA ILE A 1244 -20.65 42.81 17.93
C ILE A 1244 -20.38 43.31 16.51
N MET A 1245 -19.59 42.54 15.78
CA MET A 1245 -19.28 42.77 14.38
C MET A 1245 -20.08 41.78 13.55
N VAL A 1246 -20.84 42.28 12.57
CA VAL A 1246 -21.69 41.44 11.73
C VAL A 1246 -21.11 41.44 10.32
N LEU A 1247 -20.83 40.24 9.80
CA LEU A 1247 -20.18 40.04 8.51
C LEU A 1247 -20.89 38.91 7.76
N ASP A 1248 -22.16 39.14 7.40
CA ASP A 1248 -22.92 38.14 6.66
C ASP A 1248 -22.42 37.99 5.22
N SER A 1249 -21.64 38.94 4.70
CA SER A 1249 -21.31 38.93 3.28
C SER A 1249 -19.91 39.48 3.01
N GLY A 1250 -19.01 39.40 3.99
CA GLY A 1250 -17.66 39.87 3.78
C GLY A 1250 -17.51 41.37 3.87
N ARG A 1251 -18.51 42.05 4.44
CA ARG A 1251 -18.41 43.46 4.78
C ARG A 1251 -18.72 43.62 6.26
N LEU A 1252 -18.11 44.62 6.88
CA LEU A 1252 -18.46 44.96 8.26
C LEU A 1252 -19.77 45.73 8.23
N LYS A 1253 -20.87 44.97 8.28
CA LYS A 1253 -22.19 45.58 8.11
C LYS A 1253 -22.62 46.33 9.35
N GLU A 1254 -22.26 45.84 10.53
CA GLU A 1254 -22.60 46.49 11.79
C GLU A 1254 -21.42 46.32 12.74
N TYR A 1255 -21.22 47.33 13.59
CA TYR A 1255 -20.16 47.29 14.60
C TYR A 1255 -20.57 48.20 15.76
N ASP A 1256 -21.30 47.65 16.72
CA ASP A 1256 -21.92 48.50 17.74
C ASP A 1256 -22.24 47.67 18.97
N GLU A 1257 -22.55 48.38 20.04
CA GLU A 1257 -23.03 47.78 21.27
C GLU A 1257 -24.16 46.79 20.98
N PRO A 1258 -24.11 45.56 21.50
CA PRO A 1258 -25.16 44.58 21.16
C PRO A 1258 -26.55 45.05 21.55
N TYR A 1259 -26.69 45.69 22.71
CA TYR A 1259 -27.98 46.24 23.10
C TYR A 1259 -28.44 47.32 22.13
N VAL A 1260 -27.53 48.21 21.73
CA VAL A 1260 -27.89 49.25 20.77
C VAL A 1260 -28.29 48.61 19.45
N LEU A 1261 -27.60 47.55 19.05
CA LEU A 1261 -28.03 46.78 17.89
C LEU A 1261 -29.44 46.23 18.09
N LEU A 1262 -29.71 45.65 19.25
CA LEU A 1262 -31.04 45.11 19.52
C LEU A 1262 -32.06 46.22 19.69
N GLN A 1263 -31.64 47.39 20.18
CA GLN A 1263 -32.54 48.54 20.21
C GLN A 1263 -32.80 49.08 18.80
N ASN A 1264 -31.83 48.93 17.90
CA ASN A 1264 -32.09 49.12 16.48
C ASN A 1264 -32.90 47.96 15.93
N ARG A 1265 -34.23 48.11 15.93
CA ARG A 1265 -35.10 47.05 15.45
C ARG A 1265 -34.87 46.74 13.97
N ASP A 1266 -34.14 47.59 13.25
CA ASP A 1266 -33.78 47.34 11.86
C ASP A 1266 -32.42 46.66 11.70
N SER A 1267 -31.68 46.46 12.79
CA SER A 1267 -30.35 45.86 12.68
C SER A 1267 -30.46 44.40 12.24
N LEU A 1268 -29.42 43.94 11.52
CA LEU A 1268 -29.33 42.54 11.17
C LEU A 1268 -29.19 41.66 12.39
N PHE A 1269 -28.47 42.14 13.41
CA PHE A 1269 -28.34 41.38 14.64
C PHE A 1269 -29.69 41.23 15.33
N TYR A 1270 -30.48 42.30 15.39
CA TYR A 1270 -31.83 42.19 15.92
C TYR A 1270 -32.65 41.20 15.10
N LYS A 1271 -32.60 41.35 13.77
CA LYS A 1271 -33.28 40.40 12.88
C LYS A 1271 -32.77 38.98 13.09
N MET A 1272 -31.46 38.80 13.28
CA MET A 1272 -30.93 37.46 13.50
C MET A 1272 -31.41 36.86 14.82
N VAL A 1273 -31.36 37.62 15.92
CA VAL A 1273 -31.89 37.11 17.17
C VAL A 1273 -33.40 36.94 17.06
N GLN A 1274 -34.07 37.84 16.34
CA GLN A 1274 -35.49 37.66 16.09
C GLN A 1274 -35.75 36.42 15.27
N GLN A 1275 -34.81 36.07 14.38
CA GLN A 1275 -34.90 34.81 13.65
C GLN A 1275 -34.65 33.61 14.55
N LEU A 1276 -33.91 33.78 15.64
CA LEU A 1276 -33.85 32.75 16.67
C LEU A 1276 -35.20 32.58 17.34
N GLY A 1277 -35.87 33.69 17.68
CA GLY A 1277 -37.25 33.62 18.12
C GLY A 1277 -37.60 34.63 19.20
N LYS A 1278 -38.87 34.63 19.60
CA LYS A 1278 -39.37 35.65 20.51
C LYS A 1278 -38.78 35.49 21.91
N ALA A 1279 -38.82 34.28 22.46
CA ALA A 1279 -38.23 34.04 23.77
C ALA A 1279 -36.71 34.17 23.73
N GLU A 1280 -36.10 33.76 22.62
CA GLU A 1280 -34.66 33.96 22.46
C GLU A 1280 -34.31 35.44 22.50
N ALA A 1281 -34.95 36.23 21.64
CA ALA A 1281 -34.76 37.68 21.68
C ALA A 1281 -35.12 38.25 23.04
N ALA A 1282 -36.19 37.75 23.65
CA ALA A 1282 -36.57 38.23 24.98
C ALA A 1282 -35.46 37.95 25.98
N ALA A 1283 -34.93 36.73 26.00
CA ALA A 1283 -33.81 36.41 26.86
C ALA A 1283 -32.60 37.25 26.51
N LEU A 1284 -32.26 37.31 25.22
CA LEU A 1284 -31.08 38.03 24.77
C LEU A 1284 -31.21 39.53 25.05
N THR A 1285 -32.37 40.12 24.75
CA THR A 1285 -32.59 41.52 25.07
C THR A 1285 -32.53 41.77 26.57
N GLU A 1286 -33.01 40.82 27.36
CA GLU A 1286 -32.91 40.96 28.81
C GLU A 1286 -31.45 41.03 29.27
N THR A 1287 -30.63 40.08 28.81
CA THR A 1287 -29.22 40.10 29.18
C THR A 1287 -28.55 41.41 28.76
N ALA A 1288 -28.78 41.82 27.51
CA ALA A 1288 -28.16 43.05 27.02
C ALA A 1288 -28.62 44.27 27.82
N LYS A 1289 -29.92 44.35 28.10
CA LYS A 1289 -30.45 45.45 28.89
C LYS A 1289 -29.80 45.52 30.27
N GLN A 1290 -29.69 44.38 30.95
CA GLN A 1290 -29.12 44.35 32.29
C GLN A 1290 -27.67 44.85 32.28
N VAL A 1291 -26.84 44.29 31.41
CA VAL A 1291 -25.44 44.68 31.37
C VAL A 1291 -25.28 46.11 30.87
N TYR A 1292 -26.11 46.52 29.90
CA TYR A 1292 -26.05 47.90 29.43
C TYR A 1292 -26.48 48.89 30.50
N PHE A 1293 -27.57 48.60 31.22
CA PHE A 1293 -27.98 49.45 32.34
C PHE A 1293 -26.90 49.55 33.40
N LYS A 1294 -26.36 48.41 33.84
CA LYS A 1294 -25.34 48.41 34.88
C LYS A 1294 -24.11 49.21 34.45
N ARG A 1295 -23.66 49.01 33.22
CA ARG A 1295 -22.51 49.77 32.74
C ARG A 1295 -22.84 51.26 32.59
N ASN A 1296 -24.09 51.58 32.29
CA ASN A 1296 -24.52 52.98 32.25
C ASN A 1296 -24.82 53.53 33.64
N TYR A 1297 -25.23 52.67 34.57
CA TYR A 1297 -25.44 53.11 35.95
C TYR A 1297 -24.13 53.25 36.71
N PRO A 1298 -23.08 52.55 36.30
CA PRO A 1298 -21.79 52.63 36.97
C PRO A 1298 -21.28 54.07 36.99
#